data_6KFR
#
_entry.id   6KFR
#
_cell.length_a   76.597
_cell.length_b   89.650
_cell.length_c   134.584
_cell.angle_alpha   90.000
_cell.angle_beta   90.000
_cell.angle_gamma   90.000
#
_symmetry.space_group_name_H-M   'P 21 21 21'
#
loop_
_entity.id
_entity.type
_entity.pdbx_description
1 polymer 'Mycosubtilin synthase subunit A'
2 non-polymer "PYRIDOXAL-5'-PHOSPHATE"
3 non-polymer ARGININE
#
_entity_poly.entity_id   1
_entity_poly.type   'polypeptide(L)'
_entity_poly.pdbx_seq_one_letter_code
;LNEQVNYTPQQRQYLESFIEKYVDKTKGSKQYTDETRFAHANNRNLSSFRSYWKEMVYPIIAERSDGSRMWDIDGNEYID
ITMGFGVNLFGHHPSFITQTVVDSTHSALPPLGPMSNVAGEVADRIRACTGVERVAFYNSGTEAVMVALRLARAATGRTK
VVVFAGSYHGTFDGVLGVANTKGGAEPANPLAPGIPQSFMNDLIILHYNHPDSLDVIRNLGNELAAVLVEPVQSRRPDLQ
PESFLKELRAITQQSGTALIMDEIITGFRIGLGGAQEWFDIQADLVTYGKIIGGGQPLGIVAGKAEFMNTIDGGTWQYGD
DSYPTDEAKRTFVAGTFNTHPLTMRMSLAVLRYLQAEGETLYERLNQKTTYLVDQLNSYFEQSQVPIRMVQFGSLFRFVS
SVDNDLFFYHLNYKGVYVWEGRNCFLSTAHTSDDIAYIIQAVQETVKDLRRGGFIPEGPDS
;
_entity_poly.pdbx_strand_id   A,B
#
# COMPACT_ATOMS: atom_id res chain seq x y z
N TYR A 7 -42.13 -14.45 -6.26
CA TYR A 7 -42.53 -13.39 -7.18
C TYR A 7 -43.90 -13.58 -7.80
N THR A 8 -44.52 -12.48 -8.21
CA THR A 8 -45.70 -12.52 -9.05
C THR A 8 -45.29 -12.87 -10.47
N PRO A 9 -46.22 -13.33 -11.31
CA PRO A 9 -45.88 -13.49 -12.73
C PRO A 9 -45.35 -12.21 -13.37
N GLN A 10 -45.66 -11.04 -12.79
CA GLN A 10 -45.24 -9.76 -13.36
C GLN A 10 -43.79 -9.44 -13.07
N GLN A 11 -43.36 -9.69 -11.83
CA GLN A 11 -41.98 -9.41 -11.47
C GLN A 11 -41.02 -10.37 -12.18
N ARG A 12 -41.42 -11.64 -12.30
CA ARG A 12 -40.52 -12.63 -12.90
C ARG A 12 -40.25 -12.33 -14.37
N GLN A 13 -41.27 -11.90 -15.09
CA GLN A 13 -41.12 -11.63 -16.52
C GLN A 13 -40.59 -10.24 -16.80
N TYR A 14 -40.68 -9.31 -15.83
CA TYR A 14 -39.92 -8.07 -15.93
C TYR A 14 -38.43 -8.38 -15.88
N LEU A 15 -38.03 -9.17 -14.87
CA LEU A 15 -36.61 -9.49 -14.66
C LEU A 15 -36.07 -10.36 -15.78
N GLU A 16 -36.70 -11.52 -16.03
CA GLU A 16 -36.33 -12.45 -17.09
C GLU A 16 -36.28 -11.75 -18.45
N SER A 17 -36.73 -10.49 -18.48
CA SER A 17 -36.66 -9.65 -19.66
C SER A 17 -35.66 -8.52 -19.55
N PHE A 18 -35.47 -7.98 -18.36
CA PHE A 18 -34.44 -6.97 -18.15
C PHE A 18 -33.05 -7.58 -18.15
N ILE A 19 -32.87 -8.73 -17.48
CA ILE A 19 -31.62 -9.46 -17.55
C ILE A 19 -31.19 -9.68 -18.99
N GLU A 20 -32.14 -9.97 -19.86
CA GLU A 20 -31.85 -10.10 -21.28
C GLU A 20 -31.27 -8.80 -21.83
N LYS A 21 -31.96 -7.68 -21.59
CA LYS A 21 -31.54 -6.40 -22.16
C LYS A 21 -30.24 -5.95 -21.54
N TYR A 22 -30.02 -6.27 -20.26
CA TYR A 22 -28.79 -5.86 -19.59
C TYR A 22 -27.58 -6.62 -20.12
N VAL A 23 -27.68 -7.96 -20.15
CA VAL A 23 -26.53 -8.77 -20.52
C VAL A 23 -26.09 -8.45 -21.95
N ASP A 24 -27.06 -8.28 -22.85
CA ASP A 24 -26.68 -7.91 -24.21
C ASP A 24 -25.94 -6.57 -24.23
N LYS A 25 -26.22 -5.68 -23.27
CA LYS A 25 -25.53 -4.39 -23.24
C LYS A 25 -24.12 -4.50 -22.68
N THR A 26 -23.86 -5.53 -21.88
CA THR A 26 -22.59 -5.67 -21.18
C THR A 26 -21.91 -7.01 -21.45
N LYS A 27 -22.18 -7.62 -22.61
CA LYS A 27 -21.62 -8.92 -22.90
C LYS A 27 -20.11 -8.90 -23.08
N GLY A 28 -19.50 -7.72 -23.11
CA GLY A 28 -18.06 -7.64 -23.06
C GLY A 28 -17.54 -8.01 -21.69
N SER A 29 -17.97 -7.26 -20.67
CA SER A 29 -17.59 -7.54 -19.29
C SER A 29 -17.97 -8.95 -18.86
N LYS A 30 -19.07 -9.50 -19.38
CA LYS A 30 -19.44 -10.83 -18.94
C LYS A 30 -18.42 -11.88 -19.39
N GLN A 31 -17.98 -11.81 -20.64
CA GLN A 31 -16.94 -12.76 -21.07
C GLN A 31 -15.63 -12.48 -20.33
N TYR A 32 -15.19 -11.22 -20.30
CA TYR A 32 -13.89 -10.92 -19.72
C TYR A 32 -13.84 -11.28 -18.25
N THR A 33 -14.89 -11.02 -17.50
CA THR A 33 -14.93 -11.55 -16.14
C THR A 33 -14.92 -13.07 -16.17
N ASP A 34 -15.61 -13.66 -17.14
CA ASP A 34 -15.67 -15.12 -17.19
C ASP A 34 -14.37 -15.74 -17.66
N GLU A 35 -13.65 -15.06 -18.56
CA GLU A 35 -12.35 -15.56 -19.00
C GLU A 35 -11.28 -15.39 -17.93
N THR A 36 -11.32 -14.28 -17.19
CA THR A 36 -10.24 -13.96 -16.27
C THR A 36 -10.53 -14.30 -14.82
N ARG A 37 -11.73 -14.81 -14.50
CA ARG A 37 -12.12 -15.01 -13.10
C ARG A 37 -11.14 -15.91 -12.36
N PHE A 38 -10.54 -16.86 -13.04
CA PHE A 38 -9.68 -17.76 -12.28
C PHE A 38 -8.28 -17.16 -12.13
N ALA A 39 -7.72 -16.67 -13.23
CA ALA A 39 -6.35 -16.18 -13.12
C ALA A 39 -6.30 -14.91 -12.29
N HIS A 40 -7.39 -14.13 -12.26
CA HIS A 40 -7.47 -12.90 -11.48
C HIS A 40 -8.38 -13.12 -10.28
N ALA A 41 -7.80 -13.28 -9.12
CA ALA A 41 -8.57 -13.45 -7.91
C ALA A 41 -8.97 -12.07 -7.38
N ASN A 42 -10.25 -11.72 -7.48
CA ASN A 42 -10.73 -10.43 -7.01
C ASN A 42 -12.07 -10.55 -6.28
N ASN A 43 -12.11 -10.07 -5.04
CA ASN A 43 -13.31 -10.20 -4.20
C ASN A 43 -14.47 -9.39 -4.72
N ARG A 44 -14.24 -8.64 -5.79
CA ARG A 44 -15.27 -7.84 -6.43
C ARG A 44 -16.04 -8.61 -7.48
N ASN A 45 -15.61 -9.81 -7.83
CA ASN A 45 -16.35 -10.56 -8.84
C ASN A 45 -17.63 -11.16 -8.25
N LEU A 46 -17.64 -11.47 -6.97
CA LEU A 46 -18.83 -11.96 -6.31
C LEU A 46 -19.84 -10.85 -5.98
N SER A 47 -19.65 -9.64 -6.52
CA SER A 47 -20.38 -8.48 -6.02
C SER A 47 -21.87 -8.60 -6.28
N SER A 48 -22.67 -8.47 -5.21
CA SER A 48 -24.12 -8.53 -5.28
C SER A 48 -24.57 -9.80 -5.98
N PHE A 49 -24.20 -10.93 -5.38
CA PHE A 49 -24.44 -12.24 -5.99
C PHE A 49 -25.70 -12.86 -5.42
N ARG A 50 -26.71 -12.99 -6.29
CA ARG A 50 -27.87 -13.82 -6.04
C ARG A 50 -27.94 -14.85 -7.18
N SER A 51 -28.44 -16.06 -6.85
CA SER A 51 -28.36 -17.17 -7.78
C SER A 51 -29.41 -17.09 -8.91
N TYR A 52 -30.55 -16.44 -8.68
CA TYR A 52 -31.62 -16.33 -9.67
C TYR A 52 -31.44 -15.17 -10.66
N TRP A 53 -30.36 -14.38 -10.54
CA TRP A 53 -29.95 -13.46 -11.60
C TRP A 53 -28.46 -13.58 -11.90
N LYS A 54 -27.88 -14.74 -11.57
CA LYS A 54 -26.47 -15.02 -11.76
C LYS A 54 -26.01 -14.76 -13.19
N GLU A 55 -26.94 -14.64 -14.13
CA GLU A 55 -26.52 -14.43 -15.50
C GLU A 55 -26.05 -13.01 -15.77
N MET A 56 -26.14 -12.10 -14.78
CA MET A 56 -25.71 -10.72 -14.92
C MET A 56 -24.84 -10.25 -13.75
N VAL A 57 -24.20 -11.16 -12.99
CA VAL A 57 -23.34 -10.78 -11.87
C VAL A 57 -21.89 -10.83 -12.33
N TYR A 58 -21.40 -9.67 -12.78
CA TYR A 58 -20.02 -9.38 -13.12
C TYR A 58 -19.84 -7.88 -12.99
N PRO A 59 -18.68 -7.41 -12.58
CA PRO A 59 -18.43 -5.97 -12.61
C PRO A 59 -18.20 -5.47 -14.02
N ILE A 60 -18.24 -4.16 -14.15
CA ILE A 60 -18.07 -3.52 -15.46
C ILE A 60 -16.57 -3.36 -15.69
N ILE A 61 -16.08 -3.94 -16.78
CA ILE A 61 -14.67 -3.78 -17.16
C ILE A 61 -14.51 -2.49 -17.95
N ALA A 62 -13.88 -1.47 -17.34
CA ALA A 62 -13.81 -0.17 -18.00
C ALA A 62 -12.66 -0.10 -19.00
N GLU A 63 -12.86 0.67 -20.05
CA GLU A 63 -11.83 0.83 -21.07
C GLU A 63 -11.21 2.20 -21.10
N ARG A 64 -12.00 3.27 -21.02
CA ARG A 64 -11.46 4.62 -21.10
C ARG A 64 -12.22 5.55 -20.17
N SER A 65 -11.62 6.71 -19.91
CA SER A 65 -12.37 7.72 -19.17
C SER A 65 -11.78 9.09 -19.48
N ASP A 66 -12.58 10.10 -19.19
CA ASP A 66 -12.22 11.46 -19.54
C ASP A 66 -13.18 12.39 -18.81
N GLY A 67 -12.67 13.21 -17.90
CA GLY A 67 -13.55 14.05 -17.13
C GLY A 67 -14.52 13.26 -16.27
N SER A 68 -15.82 13.38 -16.56
CA SER A 68 -16.87 12.67 -15.82
C SER A 68 -17.49 11.53 -16.62
N ARG A 69 -16.87 11.14 -17.73
CA ARG A 69 -17.37 10.11 -18.61
C ARG A 69 -16.45 8.90 -18.52
N MET A 70 -17.04 7.72 -18.33
CA MET A 70 -16.30 6.45 -18.40
C MET A 70 -17.00 5.51 -19.37
N TRP A 71 -16.19 4.86 -20.20
CA TRP A 71 -16.66 3.91 -21.20
C TRP A 71 -16.20 2.50 -20.85
N ASP A 72 -17.03 1.51 -21.16
CA ASP A 72 -16.58 0.14 -20.99
C ASP A 72 -16.08 -0.41 -22.32
N ILE A 73 -15.61 -1.66 -22.28
CA ILE A 73 -15.12 -2.36 -23.46
C ILE A 73 -16.24 -2.77 -24.39
N ASP A 74 -17.48 -2.47 -24.04
CA ASP A 74 -18.63 -2.66 -24.91
C ASP A 74 -18.89 -1.44 -25.76
N GLY A 75 -18.26 -0.32 -25.41
CA GLY A 75 -18.51 0.94 -26.01
C GLY A 75 -19.41 1.82 -25.19
N ASN A 76 -20.26 1.24 -24.34
CA ASN A 76 -21.24 2.02 -23.58
C ASN A 76 -20.59 3.18 -22.86
N GLU A 77 -21.33 4.27 -22.70
CA GLU A 77 -20.80 5.45 -22.06
C GLU A 77 -21.50 5.63 -20.73
N TYR A 78 -20.73 5.95 -19.71
CA TYR A 78 -21.28 6.11 -18.38
C TYR A 78 -20.98 7.51 -17.87
N ILE A 79 -21.94 8.11 -17.20
CA ILE A 79 -21.63 9.21 -16.30
C ILE A 79 -21.23 8.56 -14.98
N ASP A 80 -20.10 9.02 -14.44
CA ASP A 80 -19.42 8.35 -13.34
C ASP A 80 -19.81 9.05 -12.06
N ILE A 81 -20.59 8.39 -11.20
CA ILE A 81 -20.68 8.84 -9.82
C ILE A 81 -19.84 7.97 -8.89
N THR A 82 -19.11 6.99 -9.42
CA THR A 82 -18.13 6.23 -8.66
C THR A 82 -16.86 7.06 -8.47
N MET A 83 -16.24 7.49 -9.56
CA MET A 83 -15.07 8.38 -9.50
C MET A 83 -13.99 7.83 -8.57
N GLY A 84 -13.51 6.63 -8.87
CA GLY A 84 -12.41 6.03 -8.14
C GLY A 84 -12.63 5.94 -6.64
N PHE A 85 -13.86 5.64 -6.22
CA PHE A 85 -14.24 5.41 -4.83
C PHE A 85 -14.10 6.67 -4.00
N GLY A 86 -13.70 7.78 -4.61
CA GLY A 86 -13.48 9.06 -3.95
C GLY A 86 -12.23 9.78 -4.45
N VAL A 87 -11.51 9.17 -5.38
CA VAL A 87 -10.18 9.64 -5.73
C VAL A 87 -10.24 10.88 -6.62
N ASN A 88 -11.07 10.85 -7.68
CA ASN A 88 -11.06 11.87 -8.74
C ASN A 88 -12.09 12.97 -8.43
N LEU A 89 -11.70 13.89 -7.54
CA LEU A 89 -12.49 15.08 -7.22
C LEU A 89 -12.58 16.03 -8.40
N PHE A 90 -11.61 15.99 -9.30
CA PHE A 90 -11.56 16.86 -10.46
C PHE A 90 -11.91 16.12 -11.74
N GLY A 91 -12.58 14.98 -11.63
CA GLY A 91 -12.84 14.19 -12.82
C GLY A 91 -11.64 13.44 -13.33
N HIS A 92 -11.87 12.56 -14.30
CA HIS A 92 -10.80 11.74 -14.83
C HIS A 92 -9.94 12.57 -15.76
N HIS A 93 -8.63 12.32 -15.71
CA HIS A 93 -7.59 12.92 -16.55
C HIS A 93 -7.61 14.46 -16.60
N PRO A 94 -7.81 15.15 -15.47
CA PRO A 94 -7.93 16.62 -15.52
C PRO A 94 -6.70 17.25 -16.14
N SER A 95 -6.80 18.54 -16.43
CA SER A 95 -5.68 19.30 -17.00
C SER A 95 -4.38 19.08 -16.24
N PHE A 96 -4.24 19.67 -15.05
CA PHE A 96 -2.93 19.72 -14.40
C PHE A 96 -2.35 18.34 -14.17
N ILE A 97 -3.18 17.31 -14.10
CA ILE A 97 -2.70 16.00 -13.67
C ILE A 97 -1.90 15.32 -14.80
N THR A 98 -2.46 15.22 -16.00
CA THR A 98 -1.68 14.59 -17.06
C THR A 98 -0.55 15.49 -17.55
N GLN A 99 -0.63 16.79 -17.30
CA GLN A 99 0.55 17.60 -17.55
C GLN A 99 1.68 17.14 -16.64
N THR A 100 1.37 16.81 -15.39
CA THR A 100 2.39 16.22 -14.52
C THR A 100 2.86 14.88 -15.05
N VAL A 101 1.92 14.05 -15.47
CA VAL A 101 2.25 12.73 -16.01
C VAL A 101 2.95 12.84 -17.35
N VAL A 102 2.62 13.87 -18.11
CA VAL A 102 3.23 14.09 -19.41
C VAL A 102 4.59 14.78 -19.28
N ASP A 103 4.83 15.38 -18.12
CA ASP A 103 6.08 16.07 -17.85
C ASP A 103 7.12 15.09 -17.30
N SER A 104 6.65 13.94 -16.84
CA SER A 104 7.53 12.92 -16.28
C SER A 104 8.33 12.24 -17.38
N THR A 105 7.74 12.16 -18.56
CA THR A 105 8.40 11.54 -19.71
C THR A 105 9.55 12.40 -20.23
N HIS A 106 9.45 13.73 -20.07
CA HIS A 106 10.34 14.73 -20.68
C HIS A 106 11.52 15.10 -19.77
N SER A 107 11.69 14.43 -18.62
CA SER A 107 12.41 15.05 -17.50
C SER A 107 13.36 14.18 -16.72
N ALA A 108 13.55 12.90 -17.07
CA ALA A 108 14.47 12.03 -16.33
C ALA A 108 14.23 12.18 -14.82
N LEU A 109 13.04 11.72 -14.45
CA LEU A 109 12.57 11.76 -13.08
C LEU A 109 13.53 11.03 -12.15
N PRO A 110 13.60 11.42 -10.88
CA PRO A 110 14.50 10.73 -9.95
C PRO A 110 13.88 9.42 -9.51
N PRO A 111 14.66 8.53 -8.82
CA PRO A 111 14.16 7.20 -8.49
C PRO A 111 13.78 7.00 -7.02
N LEU A 112 13.10 5.89 -6.73
CA LEU A 112 13.13 5.34 -5.39
C LEU A 112 14.58 5.04 -4.98
N GLY A 113 14.79 4.88 -3.68
CA GLY A 113 16.10 4.61 -3.16
C GLY A 113 16.60 5.79 -2.33
N PRO A 114 17.07 6.82 -3.02
CA PRO A 114 17.34 8.10 -2.33
C PRO A 114 16.03 8.79 -1.96
N MET A 115 16.13 9.74 -1.03
CA MET A 115 14.96 10.43 -0.52
C MET A 115 14.39 11.37 -1.60
N SER A 116 13.29 12.07 -1.28
CA SER A 116 12.56 12.85 -2.28
C SER A 116 12.80 14.35 -2.13
N ASN A 117 13.08 15.02 -3.26
CA ASN A 117 13.30 16.45 -3.26
C ASN A 117 12.00 17.25 -3.24
N VAL A 118 10.87 16.59 -3.56
CA VAL A 118 9.56 17.23 -3.58
C VAL A 118 8.81 17.05 -2.27
N ALA A 119 9.17 16.03 -1.46
CA ALA A 119 8.37 15.64 -0.30
C ALA A 119 8.22 16.77 0.70
N GLY A 120 9.29 17.53 0.92
CA GLY A 120 9.21 18.67 1.82
C GLY A 120 8.13 19.66 1.42
N GLU A 121 8.05 19.98 0.12
CA GLU A 121 7.02 20.92 -0.30
C GLU A 121 5.63 20.33 -0.04
N VAL A 122 5.42 19.09 -0.46
CA VAL A 122 4.10 18.48 -0.29
C VAL A 122 3.67 18.55 1.17
N ALA A 123 4.63 18.35 2.09
CA ALA A 123 4.32 18.40 3.51
C ALA A 123 3.90 19.82 3.95
N ASP A 124 4.68 20.85 3.59
CA ASP A 124 4.37 22.22 4.00
C ASP A 124 2.96 22.61 3.56
N ARG A 125 2.61 22.26 2.32
CA ARG A 125 1.31 22.64 1.79
C ARG A 125 0.19 21.86 2.47
N ILE A 126 0.47 20.65 2.95
CA ILE A 126 -0.55 19.95 3.71
C ILE A 126 -0.78 20.64 5.04
N ARG A 127 0.30 21.02 5.72
CA ARG A 127 0.21 21.88 6.90
C ARG A 127 -0.56 23.16 6.61
N ALA A 128 -0.22 23.82 5.48
CA ALA A 128 -0.92 25.04 5.08
C ALA A 128 -2.42 24.82 5.06
N CYS A 129 -2.84 23.75 4.39
CA CYS A 129 -4.24 23.44 4.17
C CYS A 129 -4.92 22.82 5.38
N THR A 130 -4.17 22.27 6.33
CA THR A 130 -4.81 21.57 7.44
C THR A 130 -4.26 21.88 8.81
N GLY A 131 -3.13 22.57 8.94
CA GLY A 131 -2.67 22.98 10.25
C GLY A 131 -2.24 21.85 11.15
N VAL A 132 -1.78 20.74 10.58
CA VAL A 132 -1.11 19.68 11.32
C VAL A 132 0.38 20.02 11.42
N GLU A 133 1.04 19.38 12.38
CA GLU A 133 2.44 19.70 12.64
C GLU A 133 3.38 18.92 11.72
N ARG A 134 3.26 17.58 11.65
CA ARG A 134 4.16 16.74 10.85
C ARG A 134 3.39 15.79 9.96
N VAL A 135 4.01 15.41 8.83
CA VAL A 135 3.35 14.63 7.79
C VAL A 135 4.26 13.51 7.31
N ALA A 136 3.75 12.27 7.31
CA ALA A 136 4.44 11.13 6.72
C ALA A 136 3.70 10.61 5.49
N PHE A 137 4.35 9.72 4.74
CA PHE A 137 3.81 9.23 3.48
C PHE A 137 3.94 7.70 3.37
N TYR A 138 2.85 7.02 3.05
CA TYR A 138 2.83 5.57 2.88
C TYR A 138 2.04 5.26 1.61
N ASN A 139 1.51 4.03 1.46
CA ASN A 139 1.07 3.60 0.13
C ASN A 139 -0.39 3.21 0.00
N SER A 140 -1.17 3.25 1.08
CA SER A 140 -2.60 3.10 0.96
C SER A 140 -3.22 3.73 2.19
N GLY A 141 -4.54 3.92 2.14
CA GLY A 141 -5.26 4.27 3.36
C GLY A 141 -5.14 3.18 4.40
N THR A 142 -5.30 1.93 3.97
CA THR A 142 -5.02 0.81 4.85
C THR A 142 -3.68 0.96 5.52
N GLU A 143 -2.63 1.26 4.75
CA GLU A 143 -1.29 1.34 5.32
C GLU A 143 -1.15 2.54 6.24
N ALA A 144 -1.76 3.67 5.86
CA ALA A 144 -1.68 4.87 6.69
C ALA A 144 -2.39 4.66 8.02
N VAL A 145 -3.58 4.06 8.00
CA VAL A 145 -4.29 3.79 9.23
C VAL A 145 -3.47 2.90 10.17
N MET A 146 -2.82 1.88 9.60
CA MET A 146 -2.03 0.95 10.41
C MET A 146 -0.81 1.61 11.03
N VAL A 147 -0.22 2.60 10.34
CA VAL A 147 0.83 3.40 10.97
C VAL A 147 0.24 4.24 12.09
N ALA A 148 -0.87 4.92 11.80
CA ALA A 148 -1.50 5.79 12.78
C ALA A 148 -1.68 5.09 14.11
N LEU A 149 -2.26 3.88 14.08
CA LEU A 149 -2.43 3.13 15.33
C LEU A 149 -1.09 2.88 16.00
N ARG A 150 -0.05 2.56 15.23
CA ARG A 150 1.24 2.23 15.83
C ARG A 150 1.82 3.43 16.58
N LEU A 151 1.77 4.63 15.98
CA LEU A 151 2.32 5.82 16.62
C LEU A 151 1.59 6.12 17.92
N ALA A 152 0.28 6.28 17.85
CA ALA A 152 -0.53 6.48 19.05
C ALA A 152 -0.25 5.42 20.10
N ARG A 153 -0.12 4.17 19.69
CA ARG A 153 0.29 3.15 20.64
C ARG A 153 1.72 3.36 21.09
N ALA A 154 2.58 3.90 20.21
CA ALA A 154 3.99 4.07 20.58
C ALA A 154 4.18 5.23 21.55
N ALA A 155 3.35 6.27 21.45
CA ALA A 155 3.51 7.44 22.29
C ALA A 155 2.87 7.22 23.67
N THR A 156 1.59 6.87 23.70
CA THR A 156 0.94 6.62 24.99
C THR A 156 1.58 5.45 25.74
N GLY A 157 2.27 4.56 25.04
CA GLY A 157 2.73 3.33 25.68
C GLY A 157 1.62 2.45 26.19
N ARG A 158 0.46 2.45 25.53
CA ARG A 158 -0.65 1.58 25.91
C ARG A 158 -0.98 0.66 24.72
N THR A 159 -2.13 -0.03 24.78
CA THR A 159 -2.42 -0.95 23.69
C THR A 159 -3.88 -0.92 23.19
N LYS A 160 -4.85 -0.79 24.09
CA LYS A 160 -6.25 -0.87 23.68
C LYS A 160 -6.67 0.34 22.85
N VAL A 161 -7.43 0.08 21.79
CA VAL A 161 -7.92 1.11 20.88
C VAL A 161 -9.41 0.89 20.58
N VAL A 162 -10.12 1.99 20.36
CA VAL A 162 -11.56 1.99 20.13
C VAL A 162 -11.87 2.44 18.70
N VAL A 163 -12.69 1.65 18.00
CA VAL A 163 -13.28 2.03 16.73
C VAL A 163 -14.80 1.90 16.84
N PHE A 164 -15.50 2.59 15.94
CA PHE A 164 -16.94 2.58 15.97
C PHE A 164 -17.49 1.69 14.84
N ALA A 165 -18.51 0.89 15.17
CA ALA A 165 -19.24 0.18 14.13
C ALA A 165 -19.72 1.16 13.07
N GLY A 166 -19.95 0.66 11.87
CA GLY A 166 -20.24 1.51 10.72
C GLY A 166 -19.02 2.06 10.02
N SER A 167 -17.96 2.34 10.77
CA SER A 167 -16.78 2.92 10.16
C SER A 167 -16.15 1.91 9.21
N TYR A 168 -15.44 2.43 8.21
CA TYR A 168 -14.51 1.67 7.39
C TYR A 168 -13.15 2.30 7.57
N HIS A 169 -12.08 1.47 7.54
CA HIS A 169 -10.76 2.02 7.86
C HIS A 169 -9.65 1.28 7.16
N GLY A 170 -9.87 0.81 5.95
CA GLY A 170 -8.86 0.03 5.29
C GLY A 170 -8.91 -1.43 5.71
N THR A 171 -7.95 -2.19 5.19
CA THR A 171 -7.94 -3.64 5.33
C THR A 171 -6.81 -4.13 6.25
N PHE A 172 -6.50 -3.34 7.27
CA PHE A 172 -5.51 -3.71 8.29
C PHE A 172 -6.17 -4.54 9.38
N ASP A 173 -5.57 -5.67 9.69
CA ASP A 173 -6.26 -6.66 10.52
C ASP A 173 -6.72 -6.07 11.84
N GLY A 174 -6.05 -5.04 12.33
CA GLY A 174 -6.34 -4.61 13.68
C GLY A 174 -7.56 -3.76 13.83
N VAL A 175 -8.22 -3.43 12.72
CA VAL A 175 -9.46 -2.66 12.72
C VAL A 175 -10.63 -3.44 12.15
N LEU A 176 -10.40 -4.71 11.79
CA LEU A 176 -11.42 -5.59 11.24
C LEU A 176 -12.06 -6.37 12.39
N GLY A 177 -12.86 -5.66 13.17
CA GLY A 177 -13.58 -6.26 14.27
C GLY A 177 -15.09 -6.04 14.17
N VAL A 178 -15.80 -6.77 15.03
CA VAL A 178 -17.20 -6.51 15.36
C VAL A 178 -17.32 -6.52 16.88
N ALA A 179 -18.25 -5.71 17.40
CA ALA A 179 -18.37 -5.47 18.84
C ALA A 179 -18.57 -6.78 19.64
N ASN A 180 -18.43 -6.71 20.97
CA ASN A 180 -18.43 -7.94 21.77
C ASN A 180 -19.86 -8.38 22.05
N THR A 181 -20.04 -9.71 22.00
CA THR A 181 -21.28 -10.33 22.43
C THR A 181 -21.80 -9.70 23.71
N LYS A 182 -20.90 -9.44 24.67
CA LYS A 182 -21.27 -8.80 25.92
C LYS A 182 -21.42 -7.28 25.82
N GLY A 183 -20.95 -6.67 24.73
CA GLY A 183 -20.97 -5.21 24.59
C GLY A 183 -20.10 -4.47 25.60
N GLY A 184 -20.34 -3.18 25.67
CA GLY A 184 -19.69 -2.38 26.70
C GLY A 184 -18.24 -2.10 26.37
N ALA A 185 -17.34 -2.44 27.29
CA ALA A 185 -15.90 -2.23 27.11
C ALA A 185 -15.14 -3.52 26.83
N GLU A 186 -15.85 -4.64 26.68
CA GLU A 186 -15.24 -5.93 26.42
C GLU A 186 -14.72 -6.00 24.98
N PRO A 187 -13.78 -6.89 24.68
CA PRO A 187 -13.01 -6.77 23.43
C PRO A 187 -13.76 -7.32 22.23
N ALA A 188 -13.28 -6.92 21.04
CA ALA A 188 -13.98 -7.25 19.81
C ALA A 188 -13.67 -8.66 19.33
N ASN A 189 -14.61 -9.24 18.56
CA ASN A 189 -14.50 -10.52 17.88
C ASN A 189 -14.23 -10.32 16.39
N PRO A 190 -13.63 -11.30 15.71
CA PRO A 190 -13.22 -11.09 14.32
C PRO A 190 -14.38 -10.87 13.35
N LEU A 191 -14.13 -10.01 12.34
CA LEU A 191 -15.08 -9.70 11.27
C LEU A 191 -15.23 -10.80 10.23
N ALA A 192 -14.29 -11.72 10.13
CA ALA A 192 -14.31 -12.72 9.07
C ALA A 192 -13.38 -13.87 9.45
N PRO A 193 -13.43 -14.99 8.71
CA PRO A 193 -12.37 -16.00 8.80
C PRO A 193 -10.97 -15.42 8.61
N GLY A 194 -9.95 -16.16 9.04
CA GLY A 194 -8.56 -15.80 8.82
C GLY A 194 -8.06 -14.60 9.58
N ILE A 195 -8.94 -13.84 10.22
CA ILE A 195 -8.55 -12.75 11.10
C ILE A 195 -8.49 -13.32 12.52
N PRO A 196 -7.31 -13.52 13.08
CA PRO A 196 -7.20 -14.21 14.36
C PRO A 196 -7.69 -13.35 15.51
N GLN A 197 -8.30 -14.03 16.48
CA GLN A 197 -8.82 -13.33 17.64
C GLN A 197 -7.73 -12.52 18.33
N SER A 198 -6.48 -13.01 18.33
CA SER A 198 -5.43 -12.32 19.06
C SER A 198 -5.30 -10.87 18.59
N PHE A 199 -5.61 -10.60 17.33
CA PHE A 199 -5.47 -9.25 16.84
C PHE A 199 -6.60 -8.36 17.33
N MET A 200 -7.70 -8.96 17.78
CA MET A 200 -8.85 -8.20 18.26
C MET A 200 -8.76 -7.82 19.73
N ASN A 201 -7.79 -8.34 20.48
CA ASN A 201 -7.81 -8.17 21.94
C ASN A 201 -7.53 -6.72 22.35
N ASP A 202 -6.65 -6.03 21.62
CA ASP A 202 -6.47 -4.62 21.88
C ASP A 202 -7.44 -3.76 21.08
N LEU A 203 -8.52 -4.36 20.60
CA LEU A 203 -9.57 -3.65 19.86
C LEU A 203 -10.84 -3.61 20.70
N ILE A 204 -11.50 -2.46 20.71
CA ILE A 204 -12.78 -2.27 21.39
C ILE A 204 -13.68 -1.57 20.40
N ILE A 205 -14.95 -1.98 20.35
CA ILE A 205 -15.90 -1.40 19.41
C ILE A 205 -17.15 -0.91 20.14
N LEU A 206 -17.62 0.27 19.75
CA LEU A 206 -18.76 0.91 20.39
C LEU A 206 -19.66 1.53 19.34
N HIS A 207 -20.96 1.53 19.61
CA HIS A 207 -21.88 2.20 18.73
C HIS A 207 -21.51 3.67 18.63
N TYR A 208 -21.37 4.13 17.39
CA TYR A 208 -21.09 5.54 17.11
C TYR A 208 -22.43 6.25 17.29
N ASN A 209 -22.38 7.49 17.77
CA ASN A 209 -23.57 8.29 18.05
C ASN A 209 -24.52 7.63 19.05
N HIS A 210 -23.94 6.98 20.05
CA HIS A 210 -24.64 6.31 21.13
C HIS A 210 -23.95 6.90 22.35
N PRO A 211 -24.69 7.65 23.16
CA PRO A 211 -24.01 8.34 24.27
C PRO A 211 -23.54 7.36 25.32
N ASP A 212 -24.14 6.17 25.37
CA ASP A 212 -23.70 5.15 26.31
C ASP A 212 -22.22 4.87 26.11
N SER A 213 -21.73 5.04 24.89
CA SER A 213 -20.35 4.72 24.56
C SER A 213 -19.37 5.85 24.85
N LEU A 214 -19.77 7.12 24.72
CA LEU A 214 -18.94 8.16 25.30
C LEU A 214 -18.78 7.94 26.79
N ASP A 215 -19.79 7.34 27.42
CA ASP A 215 -19.76 6.96 28.82
C ASP A 215 -19.04 5.63 29.07
N VAL A 216 -18.37 5.05 28.07
CA VAL A 216 -17.44 3.95 28.34
C VAL A 216 -16.01 4.29 27.96
N ILE A 217 -15.80 5.23 27.04
CA ILE A 217 -14.47 5.80 26.83
C ILE A 217 -13.96 6.47 28.09
N ARG A 218 -14.88 6.99 28.92
CA ARG A 218 -14.49 7.54 30.21
C ARG A 218 -14.12 6.43 31.20
N ASN A 219 -14.87 5.33 31.20
CA ASN A 219 -14.64 4.24 32.15
C ASN A 219 -13.46 3.39 31.78
N LEU A 220 -13.00 3.48 30.54
CA LEU A 220 -11.66 3.01 30.24
C LEU A 220 -10.65 4.08 30.58
N GLY A 221 -10.96 5.32 30.23
CA GLY A 221 -10.20 6.48 30.69
C GLY A 221 -8.73 6.39 30.38
N ASN A 222 -7.96 5.83 31.31
CA ASN A 222 -6.50 5.78 31.15
C ASN A 222 -6.00 4.53 30.46
N GLU A 223 -6.83 3.50 30.34
CA GLU A 223 -6.40 2.26 29.73
C GLU A 223 -6.34 2.34 28.21
N LEU A 224 -6.74 3.46 27.60
CA LEU A 224 -6.98 3.52 26.17
C LEU A 224 -5.80 4.15 25.44
N ALA A 225 -5.27 3.43 24.46
CA ALA A 225 -4.17 3.96 23.67
C ALA A 225 -4.64 5.06 22.74
N ALA A 226 -5.73 4.82 22.04
CA ALA A 226 -6.22 5.73 21.01
C ALA A 226 -7.66 5.36 20.70
N VAL A 227 -8.38 6.31 20.11
CA VAL A 227 -9.77 6.15 19.72
C VAL A 227 -9.90 6.60 18.27
N LEU A 228 -10.17 5.64 17.38
CA LEU A 228 -10.17 5.88 15.94
C LEU A 228 -11.59 6.20 15.47
N VAL A 229 -11.73 7.26 14.68
CA VAL A 229 -13.06 7.66 14.26
C VAL A 229 -13.06 8.00 12.77
N GLU A 230 -14.05 7.46 12.05
CA GLU A 230 -14.44 8.02 10.76
C GLU A 230 -15.33 9.21 11.11
N PRO A 231 -14.82 10.45 10.99
CA PRO A 231 -15.58 11.64 11.41
C PRO A 231 -17.03 11.61 10.96
N VAL A 232 -17.25 11.67 9.64
CA VAL A 232 -18.51 11.24 9.02
C VAL A 232 -18.26 9.88 8.40
N GLN A 233 -19.18 8.93 8.63
CA GLN A 233 -19.00 7.59 8.12
C GLN A 233 -19.39 7.51 6.66
N SER A 234 -18.54 6.88 5.85
CA SER A 234 -18.86 6.72 4.44
C SER A 234 -20.27 6.17 4.27
N ARG A 235 -20.61 5.14 5.07
CA ARG A 235 -21.89 4.46 4.92
C ARG A 235 -23.07 5.41 5.11
N ARG A 236 -22.96 6.35 6.03
CA ARG A 236 -24.08 7.16 6.49
C ARG A 236 -23.70 8.64 6.39
N PRO A 237 -23.74 9.23 5.18
CA PRO A 237 -23.32 10.64 5.06
C PRO A 237 -24.24 11.62 5.76
N ASP A 238 -25.54 11.33 5.82
CA ASP A 238 -26.47 12.23 6.48
C ASP A 238 -26.08 12.51 7.93
N LEU A 239 -25.47 11.54 8.61
CA LEU A 239 -25.15 11.65 10.03
C LEU A 239 -23.78 12.31 10.21
N GLN A 240 -23.78 13.48 10.85
CA GLN A 240 -22.56 14.29 11.01
C GLN A 240 -22.52 14.87 12.41
N PRO A 241 -22.35 14.01 13.47
CA PRO A 241 -22.55 14.49 14.86
C PRO A 241 -21.47 15.39 15.47
N GLU A 242 -21.65 16.72 15.41
CA GLU A 242 -20.66 17.67 15.93
C GLU A 242 -20.54 17.56 17.44
N SER A 243 -21.67 17.34 18.14
CA SER A 243 -21.67 17.29 19.61
C SER A 243 -21.06 15.99 20.14
N PHE A 244 -21.19 14.90 19.39
CA PHE A 244 -20.57 13.65 19.81
C PHE A 244 -19.05 13.77 19.74
N LEU A 245 -18.53 14.05 18.54
CA LEU A 245 -17.11 14.27 18.35
C LEU A 245 -16.54 15.23 19.39
N LYS A 246 -17.22 16.36 19.59
CA LYS A 246 -16.61 17.36 20.44
C LYS A 246 -16.55 16.90 21.90
N GLU A 247 -17.57 16.20 22.38
CA GLU A 247 -17.44 15.58 23.68
C GLU A 247 -16.31 14.58 23.68
N LEU A 248 -16.14 13.88 22.56
CA LEU A 248 -15.07 12.90 22.41
C LEU A 248 -13.71 13.56 22.45
N ARG A 249 -13.59 14.72 21.79
CA ARG A 249 -12.33 15.46 21.85
C ARG A 249 -11.97 15.82 23.29
N ALA A 250 -12.93 16.35 24.04
CA ALA A 250 -12.70 16.66 25.44
C ALA A 250 -12.24 15.42 26.21
N ILE A 251 -12.95 14.30 26.06
CA ILE A 251 -12.67 13.16 26.92
C ILE A 251 -11.33 12.51 26.60
N THR A 252 -10.90 12.53 25.34
CA THR A 252 -9.60 11.96 25.00
C THR A 252 -8.44 12.86 25.43
N GLN A 253 -8.49 14.14 25.07
CA GLN A 253 -7.46 15.05 25.55
C GLN A 253 -7.39 15.05 27.07
N GLN A 254 -8.52 14.87 27.75
CA GLN A 254 -8.53 14.79 29.20
C GLN A 254 -7.75 13.56 29.68
N SER A 255 -8.03 12.38 29.09
CA SER A 255 -7.45 11.09 29.52
C SER A 255 -6.07 10.80 28.92
N GLY A 256 -5.52 11.72 28.12
CA GLY A 256 -4.24 11.50 27.47
C GLY A 256 -4.28 10.41 26.42
N THR A 257 -5.45 10.19 25.80
CA THR A 257 -5.64 9.19 24.77
C THR A 257 -5.64 9.86 23.40
N ALA A 258 -5.00 9.22 22.43
CA ALA A 258 -4.96 9.75 21.08
C ALA A 258 -6.36 9.76 20.47
N LEU A 259 -6.71 10.91 19.86
CA LEU A 259 -7.85 11.00 18.95
C LEU A 259 -7.32 10.93 17.52
N ILE A 260 -7.67 9.84 16.81
CA ILE A 260 -7.26 9.62 15.43
C ILE A 260 -8.49 9.81 14.54
N MET A 261 -8.37 10.72 13.56
CA MET A 261 -9.45 11.07 12.65
C MET A 261 -9.16 10.56 11.24
N ASP A 262 -10.09 9.77 10.70
CA ASP A 262 -9.87 9.13 9.41
C ASP A 262 -10.46 9.99 8.30
N GLU A 263 -9.64 10.83 7.72
CA GLU A 263 -10.06 11.73 6.65
C GLU A 263 -9.56 11.26 5.30
N ILE A 264 -9.60 9.94 5.07
CA ILE A 264 -9.25 9.40 3.76
C ILE A 264 -10.35 9.70 2.71
N ILE A 265 -11.61 9.78 3.13
CA ILE A 265 -12.71 10.20 2.26
C ILE A 265 -13.03 11.70 2.40
N THR A 266 -13.13 12.23 3.64
CA THR A 266 -13.54 13.63 3.81
C THR A 266 -12.38 14.60 3.66
N GLY A 267 -11.16 14.16 3.95
CA GLY A 267 -10.01 15.01 3.76
C GLY A 267 -10.05 15.54 2.35
N PHE A 268 -9.84 16.84 2.19
CA PHE A 268 -9.75 17.45 0.87
C PHE A 268 -11.02 17.25 0.02
N ARG A 269 -12.15 16.90 0.65
CA ARG A 269 -13.41 16.74 -0.08
C ARG A 269 -14.47 17.72 0.39
N ILE A 270 -14.91 17.65 1.64
CA ILE A 270 -15.89 18.63 2.14
C ILE A 270 -15.35 20.05 1.99
N GLY A 271 -14.07 20.25 2.31
CA GLY A 271 -13.39 21.52 2.23
C GLY A 271 -11.93 21.35 2.53
N LEU A 272 -11.08 22.23 1.98
CA LEU A 272 -9.62 22.08 2.00
C LEU A 272 -9.06 21.48 3.29
N GLY A 273 -9.45 22.02 4.43
CA GLY A 273 -9.04 21.54 5.72
C GLY A 273 -9.70 20.26 6.18
N GLY A 274 -10.41 19.59 5.28
CA GLY A 274 -11.09 18.37 5.63
C GLY A 274 -12.17 18.58 6.69
N ALA A 275 -12.57 17.46 7.31
CA ALA A 275 -13.48 17.47 8.45
C ALA A 275 -12.87 18.16 9.68
N GLN A 276 -11.55 18.30 9.73
CA GLN A 276 -10.95 19.15 10.74
C GLN A 276 -11.45 20.59 10.60
N GLU A 277 -11.39 21.15 9.38
CA GLU A 277 -11.87 22.51 9.13
C GLU A 277 -13.38 22.62 9.32
N TRP A 278 -14.14 21.65 8.80
CA TRP A 278 -15.58 21.64 8.91
C TRP A 278 -16.01 21.83 10.34
N PHE A 279 -15.81 20.78 11.14
CA PHE A 279 -16.26 20.77 12.53
C PHE A 279 -15.49 21.75 13.39
N ASP A 280 -14.33 22.21 12.93
CA ASP A 280 -13.37 22.89 13.78
C ASP A 280 -13.08 22.06 15.03
N ILE A 281 -12.48 20.90 14.78
CA ILE A 281 -11.88 20.04 15.79
C ILE A 281 -10.51 19.63 15.26
N GLN A 282 -9.46 19.72 16.10
CA GLN A 282 -8.10 19.34 15.73
C GLN A 282 -7.73 18.08 16.49
N ALA A 283 -7.55 16.97 15.76
CA ALA A 283 -7.23 15.70 16.37
C ALA A 283 -5.72 15.58 16.58
N ASP A 284 -5.34 14.50 17.24
CA ASP A 284 -3.93 14.19 17.45
C ASP A 284 -3.28 13.66 16.19
N LEU A 285 -3.93 12.71 15.54
CA LEU A 285 -3.47 12.16 14.28
C LEU A 285 -4.61 12.21 13.28
N VAL A 286 -4.31 12.58 12.06
CA VAL A 286 -5.27 12.55 10.98
C VAL A 286 -4.66 11.76 9.81
N THR A 287 -5.46 10.92 9.17
CA THR A 287 -4.98 10.12 8.04
C THR A 287 -5.74 10.49 6.78
N TYR A 288 -5.01 10.65 5.70
CA TYR A 288 -5.57 11.13 4.45
C TYR A 288 -5.32 10.09 3.36
N GLY A 289 -6.14 10.11 2.33
CA GLY A 289 -5.93 9.19 1.24
C GLY A 289 -6.61 9.70 -0.01
N LYS A 290 -6.89 8.75 -0.92
CA LYS A 290 -7.64 8.92 -2.17
C LYS A 290 -7.31 10.20 -2.96
N ILE A 291 -8.09 11.27 -2.71
CA ILE A 291 -7.95 12.55 -3.40
C ILE A 291 -6.50 13.03 -3.41
N ILE A 292 -5.86 12.97 -2.25
CA ILE A 292 -4.57 13.62 -2.03
C ILE A 292 -3.47 13.02 -2.90
N GLY A 293 -3.64 11.81 -3.38
CA GLY A 293 -2.65 11.31 -4.29
C GLY A 293 -2.85 11.76 -5.70
N GLY A 294 -3.98 12.37 -6.01
CA GLY A 294 -4.25 12.70 -7.39
C GLY A 294 -4.32 11.50 -8.30
N GLY A 295 -4.73 10.34 -7.77
CA GLY A 295 -4.94 9.17 -8.56
C GLY A 295 -3.78 8.20 -8.53
N GLN A 296 -2.59 8.65 -8.17
CA GLN A 296 -1.58 7.75 -7.72
C GLN A 296 -1.95 7.20 -6.34
N PRO A 297 -1.56 5.97 -6.03
CA PRO A 297 -1.91 5.41 -4.72
C PRO A 297 -1.28 6.22 -3.63
N LEU A 298 -2.02 6.43 -2.54
CA LEU A 298 -1.37 7.21 -1.48
C LEU A 298 -2.12 7.19 -0.15
N GLY A 299 -1.37 6.91 0.91
CA GLY A 299 -1.83 7.10 2.26
C GLY A 299 -0.90 8.06 2.97
N ILE A 300 -1.44 8.82 3.91
CA ILE A 300 -0.69 9.81 4.65
C ILE A 300 -1.20 9.79 6.08
N VAL A 301 -0.28 9.84 7.03
CA VAL A 301 -0.64 10.03 8.43
C VAL A 301 0.09 11.27 8.90
N ALA A 302 -0.67 12.27 9.34
CA ALA A 302 -0.18 13.56 9.77
C ALA A 302 -0.78 13.87 11.13
N GLY A 303 -0.31 14.94 11.74
CA GLY A 303 -0.94 15.41 12.94
C GLY A 303 0.05 16.12 13.85
N LYS A 304 -0.25 16.01 15.15
CA LYS A 304 0.55 16.67 16.16
C LYS A 304 1.93 16.04 16.27
N ALA A 305 2.95 16.90 16.40
CA ALA A 305 4.33 16.42 16.52
C ALA A 305 4.47 15.50 17.72
N GLU A 306 3.82 15.86 18.80
CA GLU A 306 3.91 15.13 20.05
C GLU A 306 3.54 13.65 19.91
N PHE A 307 2.77 13.27 18.89
CA PHE A 307 2.51 11.89 18.49
C PHE A 307 3.33 11.48 17.28
N MET A 308 3.32 12.29 16.21
CA MET A 308 4.10 12.01 15.02
C MET A 308 5.57 11.81 15.30
N ASN A 309 6.08 12.29 16.45
CA ASN A 309 7.49 12.13 16.80
C ASN A 309 7.94 10.68 16.93
N THR A 310 7.01 9.74 16.76
CA THR A 310 7.34 8.33 16.87
C THR A 310 7.86 7.74 15.57
N ILE A 311 7.81 8.50 14.46
CA ILE A 311 8.34 8.02 13.19
C ILE A 311 9.85 8.21 13.12
N ASP A 312 10.37 9.28 13.72
CA ASP A 312 11.81 9.54 13.66
C ASP A 312 12.43 9.93 14.99
N GLY A 313 11.71 9.79 16.10
CA GLY A 313 12.25 10.05 17.41
C GLY A 313 12.32 11.50 17.83
N GLY A 314 11.79 12.42 17.05
CA GLY A 314 12.01 13.80 17.42
C GLY A 314 12.90 14.50 16.42
N THR A 315 12.64 15.79 16.22
CA THR A 315 13.38 16.63 15.29
C THR A 315 14.60 17.22 15.99
N TRP A 316 15.61 17.57 15.16
CA TRP A 316 16.83 18.24 15.63
C TRP A 316 17.39 19.08 14.48
N GLN A 317 18.54 19.72 14.74
CA GLN A 317 19.14 20.74 13.86
C GLN A 317 20.65 20.53 13.79
N TYR A 318 21.31 21.27 12.90
CA TYR A 318 22.76 21.18 12.78
C TYR A 318 23.44 22.30 13.55
N GLY A 319 24.67 22.03 14.02
CA GLY A 319 25.49 23.00 14.69
C GLY A 319 25.56 22.88 16.20
N ASP A 320 24.54 22.30 16.86
CA ASP A 320 24.54 22.23 18.32
C ASP A 320 24.72 20.78 18.80
N ASP A 321 24.33 20.52 20.05
CA ASP A 321 24.44 19.20 20.66
C ASP A 321 23.10 18.49 20.74
N SER A 322 22.09 18.98 20.03
CA SER A 322 20.73 18.50 20.18
C SER A 322 20.53 17.16 19.46
N TYR A 323 19.59 16.37 19.98
CA TYR A 323 19.41 14.97 19.62
C TYR A 323 17.92 14.64 19.70
N PRO A 324 17.48 13.54 19.04
CA PRO A 324 16.07 13.13 19.16
C PRO A 324 15.72 12.57 20.53
N THR A 325 14.93 13.32 21.31
CA THR A 325 14.69 13.01 22.71
C THR A 325 13.67 11.90 22.95
N ASP A 326 12.92 11.52 21.93
CA ASP A 326 11.84 10.55 22.08
C ASP A 326 12.22 9.17 21.53
N GLU A 327 13.52 8.93 21.29
CA GLU A 327 13.94 7.71 20.63
C GLU A 327 13.41 6.48 21.34
N ALA A 328 13.34 6.50 22.67
CA ALA A 328 12.82 5.36 23.41
C ALA A 328 11.35 5.10 23.10
N LYS A 329 10.69 5.98 22.33
CA LYS A 329 9.30 5.82 21.95
C LYS A 329 9.10 5.62 20.45
N ARG A 330 10.14 5.79 19.63
CA ARG A 330 9.93 5.69 18.18
C ARG A 330 9.73 4.23 17.80
N THR A 331 8.73 4.00 16.98
CA THR A 331 8.31 2.66 16.61
C THR A 331 9.06 2.28 15.33
N PHE A 332 8.54 1.34 14.56
CA PHE A 332 9.16 0.93 13.30
C PHE A 332 8.16 1.18 12.18
N VAL A 333 8.60 1.96 11.18
CA VAL A 333 7.83 2.23 9.97
C VAL A 333 8.83 2.21 8.82
N ALA A 334 8.45 1.62 7.70
CA ALA A 334 9.36 1.48 6.56
C ALA A 334 8.52 1.59 5.32
N GLY A 335 8.96 0.97 4.22
CA GLY A 335 8.17 0.92 3.01
C GLY A 335 8.84 1.38 1.74
N THR A 336 8.74 0.53 0.69
CA THR A 336 9.53 0.72 -0.54
C THR A 336 9.03 1.90 -1.35
N PHE A 337 7.73 2.01 -1.57
CA PHE A 337 7.22 3.02 -2.48
C PHE A 337 6.82 4.29 -1.78
N ASN A 338 7.13 4.42 -0.50
CA ASN A 338 6.90 5.66 0.21
C ASN A 338 7.56 6.79 -0.56
N THR A 339 6.98 7.98 -0.46
CA THR A 339 7.42 9.16 -1.20
C THR A 339 7.79 8.79 -2.64
N HIS A 340 6.81 8.21 -3.33
CA HIS A 340 7.03 7.86 -4.72
C HIS A 340 7.32 9.13 -5.52
N PRO A 341 8.20 9.08 -6.53
CA PRO A 341 8.57 10.32 -7.25
C PRO A 341 7.43 10.91 -8.06
N LEU A 342 6.71 10.08 -8.83
CA LEU A 342 5.57 10.62 -9.55
C LEU A 342 4.40 10.91 -8.63
N THR A 343 4.08 10.01 -7.69
CA THR A 343 3.01 10.28 -6.73
C THR A 343 3.26 11.59 -5.97
N MET A 344 4.46 11.77 -5.42
CA MET A 344 4.71 13.00 -4.69
C MET A 344 4.52 14.23 -5.56
N ARG A 345 4.64 14.09 -6.89
CA ARG A 345 4.49 15.26 -7.74
C ARG A 345 3.03 15.50 -8.13
N MET A 346 2.23 14.46 -8.30
CA MET A 346 0.79 14.66 -8.51
C MET A 346 0.13 15.19 -7.26
N SER A 347 0.58 14.73 -6.10
CA SER A 347 0.11 15.29 -4.85
C SER A 347 0.46 16.78 -4.75
N LEU A 348 1.52 17.20 -5.44
CA LEU A 348 1.77 18.64 -5.52
C LEU A 348 0.76 19.33 -6.44
N ALA A 349 0.56 18.80 -7.65
CA ALA A 349 -0.40 19.36 -8.58
C ALA A 349 -1.73 19.61 -7.89
N VAL A 350 -2.22 18.61 -7.18
CA VAL A 350 -3.52 18.71 -6.51
C VAL A 350 -3.52 19.86 -5.51
N LEU A 351 -2.48 19.95 -4.69
CA LEU A 351 -2.48 21.00 -3.69
C LEU A 351 -2.30 22.39 -4.34
N ARG A 352 -1.39 22.52 -5.31
CA ARG A 352 -1.20 23.82 -5.97
C ARG A 352 -2.48 24.24 -6.69
N TYR A 353 -3.20 23.29 -7.29
CA TYR A 353 -4.48 23.62 -7.88
C TYR A 353 -5.50 23.99 -6.81
N LEU A 354 -5.70 23.11 -5.81
CA LEU A 354 -6.71 23.38 -4.77
C LEU A 354 -6.44 24.69 -4.03
N GLN A 355 -5.17 24.97 -3.72
CA GLN A 355 -4.85 26.19 -2.98
C GLN A 355 -5.05 27.44 -3.80
N ALA A 356 -4.90 27.36 -5.13
CA ALA A 356 -5.18 28.49 -6.02
C ALA A 356 -6.68 28.75 -6.10
N GLU A 357 -7.41 27.96 -6.89
CA GLU A 357 -8.86 28.09 -6.92
C GLU A 357 -9.39 28.03 -5.49
N GLY A 358 -10.07 29.08 -5.07
CA GLY A 358 -10.31 29.25 -3.65
C GLY A 358 -11.33 28.33 -3.03
N GLU A 359 -11.80 28.73 -1.84
CA GLU A 359 -12.88 28.05 -1.13
C GLU A 359 -14.11 27.91 -2.01
N THR A 360 -14.13 28.63 -3.13
CA THR A 360 -15.21 28.51 -4.10
C THR A 360 -15.01 27.38 -5.09
N LEU A 361 -13.93 26.59 -4.99
CA LEU A 361 -13.97 25.31 -5.69
C LEU A 361 -14.88 24.35 -4.96
N TYR A 362 -14.76 24.30 -3.63
CA TYR A 362 -15.64 23.47 -2.82
C TYR A 362 -17.06 24.00 -2.83
N GLU A 363 -17.22 25.32 -2.66
CA GLU A 363 -18.55 25.89 -2.56
C GLU A 363 -19.39 25.58 -3.79
N ARG A 364 -18.79 25.77 -4.97
CA ARG A 364 -19.51 25.48 -6.21
C ARG A 364 -19.92 24.01 -6.28
N LEU A 365 -19.06 23.10 -5.81
CA LEU A 365 -19.34 21.68 -5.95
C LEU A 365 -20.32 21.21 -4.88
N ASN A 366 -20.21 21.73 -3.65
CA ASN A 366 -21.20 21.36 -2.65
C ASN A 366 -22.61 21.82 -3.02
N GLN A 367 -22.74 23.01 -3.62
CA GLN A 367 -24.06 23.49 -4.04
C GLN A 367 -24.66 22.57 -5.09
N LYS A 368 -23.89 22.23 -6.13
CA LYS A 368 -24.48 21.35 -7.14
C LYS A 368 -24.72 19.93 -6.62
N THR A 369 -23.90 19.44 -5.69
CA THR A 369 -24.26 18.19 -5.04
C THR A 369 -25.54 18.37 -4.24
N THR A 370 -25.70 19.53 -3.59
CA THR A 370 -26.96 19.81 -2.90
C THR A 370 -28.10 20.05 -3.89
N TYR A 371 -27.81 20.58 -5.08
CA TYR A 371 -28.83 20.57 -6.11
C TYR A 371 -29.34 19.15 -6.31
N LEU A 372 -28.44 18.21 -6.56
CA LEU A 372 -28.85 16.83 -6.79
C LEU A 372 -29.66 16.30 -5.61
N VAL A 373 -29.06 16.24 -4.42
CA VAL A 373 -29.75 15.71 -3.24
C VAL A 373 -31.11 16.35 -3.03
N ASP A 374 -31.19 17.67 -3.22
CA ASP A 374 -32.45 18.39 -2.97
C ASP A 374 -33.51 18.06 -4.02
N GLN A 375 -33.14 18.08 -5.30
CA GLN A 375 -34.11 17.77 -6.33
C GLN A 375 -34.58 16.33 -6.19
N LEU A 376 -33.65 15.38 -6.29
CA LEU A 376 -33.99 13.96 -6.19
C LEU A 376 -34.89 13.68 -5.00
N ASN A 377 -34.71 14.39 -3.89
CA ASN A 377 -35.58 14.13 -2.74
C ASN A 377 -36.98 14.71 -2.96
N SER A 378 -37.10 15.87 -3.61
CA SER A 378 -38.41 16.43 -3.92
C SER A 378 -39.15 15.55 -4.92
N TYR A 379 -38.44 15.01 -5.90
CA TYR A 379 -39.01 13.97 -6.76
C TYR A 379 -39.52 12.79 -5.92
N PHE A 380 -38.72 12.32 -4.97
CA PHE A 380 -39.15 11.19 -4.14
C PHE A 380 -40.42 11.50 -3.35
N GLU A 381 -40.60 12.77 -2.94
CA GLU A 381 -41.73 13.13 -2.09
C GLU A 381 -43.02 13.31 -2.89
N GLN A 382 -42.96 14.06 -3.98
CA GLN A 382 -44.15 14.29 -4.78
C GLN A 382 -44.52 13.10 -5.64
N SER A 383 -43.82 11.98 -5.45
CA SER A 383 -44.11 10.69 -6.07
C SER A 383 -44.25 9.57 -5.04
N GLN A 384 -44.17 9.88 -3.75
CA GLN A 384 -44.32 8.92 -2.67
C GLN A 384 -43.39 7.72 -2.80
N VAL A 385 -42.42 7.79 -3.73
CA VAL A 385 -41.45 6.72 -3.98
C VAL A 385 -40.49 6.67 -2.80
N PRO A 386 -40.34 5.51 -2.12
CA PRO A 386 -39.65 5.43 -0.82
C PRO A 386 -38.12 5.32 -0.92
N ILE A 387 -37.48 6.41 -1.37
CA ILE A 387 -36.03 6.50 -1.49
C ILE A 387 -35.64 7.88 -0.99
N ARG A 388 -34.39 8.01 -0.55
CA ARG A 388 -33.91 9.30 -0.09
C ARG A 388 -32.42 9.42 -0.39
N MET A 389 -32.00 10.60 -0.80
CA MET A 389 -30.58 10.89 -0.91
C MET A 389 -30.03 11.41 0.40
N VAL A 390 -28.84 10.96 0.74
CA VAL A 390 -28.13 11.46 1.90
C VAL A 390 -26.82 12.06 1.40
N GLN A 391 -26.31 13.02 2.15
CA GLN A 391 -25.27 13.88 1.64
C GLN A 391 -24.25 14.20 2.73
N PHE A 392 -22.99 14.33 2.32
CA PHE A 392 -22.04 15.12 3.06
C PHE A 392 -21.09 15.68 2.03
N GLY A 393 -21.07 17.00 1.86
CA GLY A 393 -20.26 17.52 0.77
C GLY A 393 -20.72 16.90 -0.52
N SER A 394 -19.76 16.52 -1.36
CA SER A 394 -20.04 15.90 -2.64
C SER A 394 -20.04 14.37 -2.59
N LEU A 395 -20.25 13.79 -1.39
CA LEU A 395 -20.48 12.36 -1.18
C LEU A 395 -21.96 12.15 -0.88
N PHE A 396 -22.68 11.50 -1.80
CA PHE A 396 -24.07 11.16 -1.55
C PHE A 396 -24.30 9.66 -1.70
N ARG A 397 -25.37 9.19 -1.08
CA ARG A 397 -25.75 7.79 -1.21
C ARG A 397 -27.26 7.70 -1.37
N PHE A 398 -27.75 6.51 -1.63
CA PHE A 398 -29.17 6.25 -1.73
C PHE A 398 -29.61 5.40 -0.54
N VAL A 399 -30.70 5.81 0.09
CA VAL A 399 -31.34 5.01 1.14
C VAL A 399 -32.69 4.54 0.64
N SER A 400 -32.99 3.26 0.80
CA SER A 400 -34.21 2.73 0.23
C SER A 400 -34.57 1.33 0.69
N SER A 401 -35.81 1.14 1.14
CA SER A 401 -36.34 -0.18 1.42
C SER A 401 -36.53 -1.02 0.16
N VAL A 402 -36.58 -0.38 -1.00
CA VAL A 402 -36.62 -1.11 -2.27
C VAL A 402 -35.31 -1.86 -2.50
N ASP A 403 -35.42 -3.14 -2.88
CA ASP A 403 -34.28 -4.02 -3.11
C ASP A 403 -33.12 -3.32 -3.84
N ASN A 404 -32.05 -3.04 -3.08
CA ASN A 404 -31.03 -2.13 -3.56
C ASN A 404 -30.38 -2.63 -4.84
N ASP A 405 -29.89 -3.86 -4.84
CA ASP A 405 -29.08 -4.29 -5.97
C ASP A 405 -29.87 -4.17 -7.26
N LEU A 406 -31.14 -4.55 -7.24
CA LEU A 406 -31.93 -4.39 -8.45
C LEU A 406 -32.07 -2.92 -8.83
N PHE A 407 -32.15 -2.03 -7.85
CA PHE A 407 -32.18 -0.60 -8.16
C PHE A 407 -30.95 -0.17 -8.94
N PHE A 408 -29.75 -0.42 -8.39
CA PHE A 408 -28.51 0.04 -9.02
C PHE A 408 -28.20 -0.70 -10.32
N TYR A 409 -28.85 -1.85 -10.57
CA TYR A 409 -28.68 -2.48 -11.87
C TYR A 409 -29.23 -1.59 -12.97
N HIS A 410 -30.40 -1.01 -12.73
CA HIS A 410 -31.00 -0.06 -13.69
C HIS A 410 -30.14 1.17 -13.87
N LEU A 411 -29.71 1.78 -12.76
CA LEU A 411 -28.77 2.89 -12.81
C LEU A 411 -27.59 2.57 -13.72
N ASN A 412 -27.03 1.38 -13.58
CA ASN A 412 -25.91 1.00 -14.44
C ASN A 412 -26.39 0.82 -15.86
N TYR A 413 -27.55 0.18 -16.02
CA TYR A 413 -28.07 -0.01 -17.36
C TYR A 413 -28.17 1.32 -18.07
N LYS A 414 -28.83 2.28 -17.44
CA LYS A 414 -29.03 3.61 -17.97
C LYS A 414 -27.75 4.43 -17.98
N GLY A 415 -26.59 3.79 -17.98
CA GLY A 415 -25.36 4.54 -18.13
C GLY A 415 -24.99 5.51 -17.01
N VAL A 416 -25.34 5.21 -15.77
CA VAL A 416 -24.80 5.91 -14.60
C VAL A 416 -24.01 4.90 -13.79
N TYR A 417 -22.67 4.89 -13.93
CA TYR A 417 -21.86 3.86 -13.29
C TYR A 417 -21.68 4.13 -11.81
N VAL A 418 -22.54 3.53 -10.99
CA VAL A 418 -22.34 3.39 -9.56
C VAL A 418 -21.69 2.03 -9.36
N TRP A 419 -20.90 1.89 -8.31
CA TRP A 419 -20.16 0.67 -7.99
C TRP A 419 -20.80 -0.08 -6.83
N GLU A 420 -20.10 -1.06 -6.25
CA GLU A 420 -20.77 -1.95 -5.31
C GLU A 420 -20.88 -1.40 -3.91
N GLY A 421 -19.96 -0.52 -3.50
CA GLY A 421 -20.08 0.10 -2.19
C GLY A 421 -21.18 1.13 -2.16
N ARG A 422 -21.48 1.71 -3.32
CA ARG A 422 -22.57 2.63 -3.57
C ARG A 422 -22.31 4.03 -2.99
N ASN A 423 -21.15 4.27 -2.37
CA ASN A 423 -20.75 5.65 -2.12
C ASN A 423 -20.68 6.32 -3.49
N CYS A 424 -21.62 7.20 -3.83
CA CYS A 424 -21.51 7.93 -5.08
C CYS A 424 -20.98 9.33 -4.78
N PHE A 425 -20.20 9.84 -5.69
CA PHE A 425 -19.53 11.11 -5.49
C PHE A 425 -19.76 11.97 -6.71
N LEU A 426 -19.97 13.26 -6.48
CA LEU A 426 -19.78 14.18 -7.58
C LEU A 426 -18.33 14.67 -7.60
N SER A 427 -17.98 15.34 -8.70
CA SER A 427 -16.69 16.00 -8.85
C SER A 427 -16.90 17.35 -9.50
N THR A 428 -15.85 18.14 -9.56
CA THR A 428 -15.94 19.38 -10.32
C THR A 428 -16.01 19.13 -11.82
N ALA A 429 -16.00 17.89 -12.29
CA ALA A 429 -16.12 17.59 -13.70
C ALA A 429 -17.57 17.41 -14.17
N HIS A 430 -18.55 17.48 -13.27
CA HIS A 430 -19.90 17.06 -13.61
C HIS A 430 -20.69 18.27 -14.08
N THR A 431 -20.95 18.32 -15.39
CA THR A 431 -21.64 19.41 -16.03
C THR A 431 -23.14 19.31 -15.78
N SER A 432 -23.88 20.33 -16.23
CA SER A 432 -25.32 20.35 -16.01
C SER A 432 -26.00 19.24 -16.79
N ASP A 433 -25.59 19.03 -18.05
CA ASP A 433 -25.92 17.81 -18.77
C ASP A 433 -25.82 16.59 -17.86
N ASP A 434 -24.61 16.41 -17.31
CA ASP A 434 -24.31 15.27 -16.45
C ASP A 434 -25.22 15.22 -15.25
N ILE A 435 -25.39 16.34 -14.54
CA ILE A 435 -26.22 16.31 -13.35
C ILE A 435 -27.64 15.92 -13.70
N ALA A 436 -28.21 16.56 -14.74
CA ALA A 436 -29.54 16.21 -15.18
C ALA A 436 -29.64 14.76 -15.64
N TYR A 437 -28.57 14.21 -16.22
CA TYR A 437 -28.65 12.84 -16.73
C TYR A 437 -28.75 11.82 -15.60
N ILE A 438 -28.18 12.12 -14.45
CA ILE A 438 -28.36 11.26 -13.28
C ILE A 438 -29.81 11.28 -12.84
N ILE A 439 -30.39 12.49 -12.72
CA ILE A 439 -31.77 12.67 -12.26
C ILE A 439 -32.75 12.07 -13.26
N GLN A 440 -32.44 12.15 -14.54
CA GLN A 440 -33.30 11.46 -15.48
C GLN A 440 -33.15 9.95 -15.32
N ALA A 441 -31.93 9.47 -15.06
CA ALA A 441 -31.72 8.03 -14.93
C ALA A 441 -32.39 7.47 -13.68
N VAL A 442 -32.38 8.23 -12.60
CA VAL A 442 -33.11 7.80 -11.42
C VAL A 442 -34.61 7.68 -11.71
N GLN A 443 -35.20 8.71 -12.35
CA GLN A 443 -36.66 8.73 -12.51
C GLN A 443 -37.14 7.74 -13.56
N GLU A 444 -36.40 7.60 -14.68
CA GLU A 444 -36.64 6.50 -15.60
C GLU A 444 -36.65 5.17 -14.85
N THR A 445 -35.78 5.03 -13.83
CA THR A 445 -35.71 3.78 -13.08
C THR A 445 -36.95 3.58 -12.22
N VAL A 446 -37.30 4.56 -11.40
CA VAL A 446 -38.47 4.41 -10.53
C VAL A 446 -39.70 4.06 -11.36
N LYS A 447 -39.79 4.59 -12.57
CA LYS A 447 -40.92 4.29 -13.44
C LYS A 447 -40.79 2.90 -14.07
N ASP A 448 -39.62 2.58 -14.60
CA ASP A 448 -39.37 1.21 -15.02
C ASP A 448 -39.73 0.24 -13.88
N LEU A 449 -39.25 0.55 -12.67
CA LEU A 449 -39.37 -0.37 -11.54
C LEU A 449 -40.76 -0.40 -10.94
N ARG A 450 -41.49 0.71 -10.99
CA ARG A 450 -42.85 0.68 -10.48
C ARG A 450 -43.81 0.09 -11.49
N ARG A 451 -43.56 0.29 -12.79
CA ARG A 451 -44.37 -0.38 -13.79
C ARG A 451 -44.20 -1.90 -13.69
N GLY A 452 -42.99 -2.35 -13.44
CA GLY A 452 -42.77 -3.76 -13.16
C GLY A 452 -43.26 -4.21 -11.81
N GLY A 453 -43.79 -3.31 -10.98
CA GLY A 453 -44.36 -3.68 -9.71
C GLY A 453 -43.34 -4.08 -8.67
N PHE A 454 -42.45 -3.14 -8.33
CA PHE A 454 -41.41 -3.34 -7.33
C PHE A 454 -41.41 -2.21 -6.30
N ILE A 455 -42.60 -1.76 -5.89
CA ILE A 455 -42.70 -0.84 -4.76
C ILE A 455 -43.77 -1.34 -3.78
N TYR B 7 38.26 6.84 18.58
CA TYR B 7 39.19 6.93 17.46
C TYR B 7 40.54 7.50 17.87
N THR B 8 41.63 6.78 17.54
CA THR B 8 43.01 7.15 17.86
C THR B 8 43.24 8.60 17.45
N PRO B 9 44.23 9.28 18.01
CA PRO B 9 44.57 10.61 17.49
C PRO B 9 44.67 10.63 15.99
N GLN B 10 45.24 9.59 15.40
CA GLN B 10 45.35 9.51 13.95
C GLN B 10 44.01 9.58 13.23
N GLN B 11 43.31 8.44 13.18
CA GLN B 11 42.00 8.30 12.55
C GLN B 11 41.10 9.50 12.76
N ARG B 12 41.17 10.04 13.97
CA ARG B 12 40.31 11.16 14.34
C ARG B 12 40.54 12.35 13.42
N GLN B 13 41.75 12.52 12.91
CA GLN B 13 41.97 13.65 12.01
C GLN B 13 41.65 13.29 10.55
N TYR B 14 41.92 12.05 10.12
CA TYR B 14 41.42 11.61 8.82
C TYR B 14 39.94 11.89 8.72
N LEU B 15 39.19 11.38 9.71
CA LEU B 15 37.74 11.56 9.77
C LEU B 15 37.34 13.02 9.51
N GLU B 16 37.91 13.95 10.29
CA GLU B 16 37.53 15.35 10.18
C GLU B 16 37.85 15.92 8.80
N SER B 17 38.86 15.37 8.12
CA SER B 17 39.03 15.69 6.71
C SER B 17 37.93 15.08 5.87
N PHE B 18 37.40 13.91 6.27
CA PHE B 18 36.35 13.27 5.49
C PHE B 18 35.01 13.96 5.67
N ILE B 19 34.59 14.17 6.92
CA ILE B 19 33.35 14.91 7.14
C ILE B 19 33.33 16.16 6.30
N GLU B 20 34.42 16.93 6.35
CA GLU B 20 34.47 18.20 5.64
C GLU B 20 34.30 17.97 4.14
N LYS B 21 35.17 17.15 3.56
CA LYS B 21 35.04 16.82 2.15
C LYS B 21 33.66 16.24 1.83
N TYR B 22 33.01 15.57 2.79
CA TYR B 22 31.73 14.93 2.53
C TYR B 22 30.56 15.90 2.61
N VAL B 23 30.56 16.78 3.62
CA VAL B 23 29.45 17.72 3.74
C VAL B 23 29.46 18.67 2.55
N ASP B 24 30.63 19.13 2.16
CA ASP B 24 30.74 20.05 1.02
C ASP B 24 30.17 19.44 -0.25
N LYS B 25 30.46 18.16 -0.50
CA LYS B 25 29.90 17.53 -1.70
C LYS B 25 28.39 17.40 -1.58
N THR B 26 27.89 17.09 -0.40
CA THR B 26 26.46 16.83 -0.28
C THR B 26 25.79 17.84 0.64
N LYS B 27 26.11 19.13 0.43
CA LYS B 27 25.62 20.21 1.30
C LYS B 27 24.13 20.50 1.07
N GLY B 28 23.68 20.42 -0.18
CA GLY B 28 22.28 20.67 -0.47
C GLY B 28 21.39 19.61 0.13
N SER B 29 21.78 18.34 -0.01
CA SER B 29 21.07 17.28 0.67
C SER B 29 21.05 17.51 2.18
N LYS B 30 22.06 18.21 2.70
CA LYS B 30 22.03 18.59 4.10
C LYS B 30 20.95 19.61 4.36
N GLN B 31 20.95 20.71 3.60
CA GLN B 31 20.05 21.84 3.86
C GLN B 31 18.58 21.45 3.65
N TYR B 32 18.28 20.83 2.50
CA TYR B 32 16.92 20.31 2.30
C TYR B 32 16.48 19.45 3.47
N THR B 33 17.33 18.52 3.89
CA THR B 33 16.95 17.61 4.97
C THR B 33 16.63 18.37 6.27
N ASP B 34 17.32 19.47 6.53
CA ASP B 34 17.00 20.20 7.74
C ASP B 34 15.73 21.03 7.56
N GLU B 35 15.58 21.74 6.44
CA GLU B 35 14.41 22.55 6.18
C GLU B 35 13.12 21.74 6.18
N THR B 36 13.20 20.41 6.23
CA THR B 36 12.00 19.60 6.12
C THR B 36 11.94 18.47 7.14
N ARG B 37 12.84 18.40 8.12
CA ARG B 37 12.76 17.29 9.06
C ARG B 37 11.49 17.34 9.89
N PHE B 38 11.01 18.55 10.21
CA PHE B 38 9.81 18.65 11.02
C PHE B 38 8.56 18.34 10.21
N ALA B 39 8.37 19.06 9.10
CA ALA B 39 7.16 18.93 8.30
C ALA B 39 6.99 17.49 7.80
N HIS B 40 8.07 16.90 7.32
CA HIS B 40 8.09 15.60 6.65
C HIS B 40 8.74 14.58 7.58
N ALA B 41 7.93 14.01 8.47
CA ALA B 41 8.39 12.89 9.27
C ALA B 41 8.76 11.72 8.35
N ASN B 42 9.96 11.17 8.55
CA ASN B 42 10.44 10.09 7.71
C ASN B 42 11.56 9.37 8.45
N ASN B 43 11.28 8.15 8.90
CA ASN B 43 12.25 7.38 9.70
C ASN B 43 13.63 7.32 9.07
N ARG B 44 13.75 7.65 7.79
CA ARG B 44 15.02 7.56 7.08
C ARG B 44 15.98 8.70 7.43
N ASN B 45 15.47 9.81 7.95
CA ASN B 45 16.31 10.94 8.30
C ASN B 45 17.23 10.64 9.48
N LEU B 46 17.03 9.49 10.14
CA LEU B 46 17.85 9.11 11.28
C LEU B 46 18.98 8.16 10.92
N SER B 47 19.02 7.66 9.69
CA SER B 47 19.97 6.60 9.30
C SER B 47 21.39 6.94 9.70
N SER B 48 22.10 5.92 10.20
CA SER B 48 23.52 6.01 10.57
C SER B 48 23.82 7.23 11.43
N PHE B 49 22.96 7.47 12.43
CA PHE B 49 23.10 8.63 13.32
C PHE B 49 24.07 8.31 14.46
N ARG B 50 25.10 9.14 14.60
CA ARG B 50 26.05 9.07 15.70
C ARG B 50 26.42 10.49 16.10
N SER B 51 26.09 10.85 17.34
CA SER B 51 26.11 12.25 17.75
C SER B 51 27.43 12.97 17.46
N TYR B 52 28.51 12.25 17.17
CA TYR B 52 29.76 12.97 16.94
C TYR B 52 29.94 13.35 15.47
N TRP B 53 29.86 12.38 14.55
CA TRP B 53 29.84 12.73 13.14
C TRP B 53 28.45 13.17 12.67
N LYS B 54 27.61 13.52 13.64
CA LYS B 54 26.30 14.12 13.44
C LYS B 54 26.23 14.92 12.14
N GLU B 55 27.20 15.82 11.93
CA GLU B 55 27.18 16.82 10.87
C GLU B 55 27.20 16.28 9.44
N MET B 56 27.17 14.95 9.25
CA MET B 56 26.95 14.40 7.92
C MET B 56 25.85 13.33 7.91
N VAL B 57 24.96 13.35 8.90
CA VAL B 57 23.90 12.35 9.03
C VAL B 57 22.65 12.93 8.36
N TYR B 58 22.52 12.66 7.06
CA TYR B 58 21.38 13.08 6.25
C TYR B 58 21.28 12.11 5.08
N PRO B 59 20.07 11.74 4.65
CA PRO B 59 19.93 10.95 3.44
C PRO B 59 20.24 11.76 2.19
N ILE B 60 20.61 11.06 1.13
CA ILE B 60 20.89 11.72 -0.14
C ILE B 60 19.57 12.02 -0.85
N ILE B 61 19.41 13.26 -1.27
CA ILE B 61 18.19 13.71 -1.96
C ILE B 61 18.48 13.69 -3.47
N ALA B 62 17.70 12.94 -4.23
CA ALA B 62 17.94 12.79 -5.66
C ALA B 62 17.29 13.93 -6.45
N GLU B 63 17.55 13.95 -7.76
CA GLU B 63 17.02 15.03 -8.58
C GLU B 63 16.62 14.54 -9.95
N ARG B 64 17.39 13.60 -10.50
CA ARG B 64 17.11 13.04 -11.81
C ARG B 64 17.88 11.73 -11.93
N SER B 65 17.56 10.95 -12.96
CA SER B 65 18.32 9.73 -13.22
C SER B 65 18.00 9.22 -14.61
N ASP B 66 18.75 8.20 -15.02
CA ASP B 66 18.53 7.41 -16.22
C ASP B 66 19.47 6.21 -16.15
N GLY B 67 19.11 5.13 -16.83
CA GLY B 67 19.94 3.94 -16.88
C GLY B 67 20.39 3.41 -15.52
N SER B 68 21.69 3.52 -15.23
CA SER B 68 22.24 3.06 -13.95
C SER B 68 22.80 4.19 -13.10
N ARG B 69 22.47 5.43 -13.41
CA ARG B 69 23.01 6.56 -12.67
C ARG B 69 21.86 7.36 -12.07
N MET B 70 22.08 7.82 -10.85
CA MET B 70 21.24 8.80 -10.19
C MET B 70 22.07 10.06 -10.02
N TRP B 71 21.40 11.20 -9.82
CA TRP B 71 22.04 12.47 -9.53
C TRP B 71 21.37 13.11 -8.30
N ASP B 72 22.17 13.65 -7.38
CA ASP B 72 21.54 14.30 -6.24
C ASP B 72 21.31 15.79 -6.56
N ILE B 73 20.66 16.52 -5.64
CA ILE B 73 20.34 17.93 -5.90
C ILE B 73 21.55 18.82 -5.79
N ASP B 74 22.57 18.39 -5.04
CA ASP B 74 23.87 19.02 -5.16
C ASP B 74 24.49 18.79 -6.52
N GLY B 75 23.79 18.10 -7.41
CA GLY B 75 24.33 17.86 -8.73
C GLY B 75 25.53 16.95 -8.75
N ASN B 76 25.65 16.04 -7.79
CA ASN B 76 26.61 14.96 -7.93
C ASN B 76 26.01 13.82 -8.75
N GLU B 77 26.89 13.11 -9.44
CA GLU B 77 26.54 11.87 -10.12
C GLU B 77 26.92 10.70 -9.20
N TYR B 78 26.14 9.61 -9.31
CA TYR B 78 26.41 8.33 -8.68
C TYR B 78 26.06 7.22 -9.66
N ILE B 79 26.76 6.11 -9.51
CA ILE B 79 26.41 4.87 -10.19
C ILE B 79 25.49 4.14 -9.23
N ASP B 80 24.22 4.02 -9.60
CA ASP B 80 23.24 3.45 -8.68
C ASP B 80 23.44 1.93 -8.52
N ILE B 81 23.77 1.48 -7.32
CA ILE B 81 23.63 0.07 -6.99
C ILE B 81 22.49 -0.18 -6.02
N THR B 82 21.66 0.85 -5.77
CA THR B 82 20.45 0.66 -5.00
C THR B 82 19.24 0.39 -5.90
N MET B 83 19.31 0.75 -7.17
CA MET B 83 18.26 0.49 -8.14
C MET B 83 16.87 0.48 -7.51
N GLY B 84 16.60 1.46 -6.66
CA GLY B 84 15.28 1.57 -6.06
C GLY B 84 14.95 0.35 -5.23
N PHE B 85 15.84 0.00 -4.32
CA PHE B 85 15.66 -1.11 -3.39
C PHE B 85 15.53 -2.45 -4.08
N GLY B 86 15.93 -2.53 -5.35
CA GLY B 86 15.72 -3.72 -6.14
C GLY B 86 14.53 -3.65 -7.08
N VAL B 87 13.83 -2.51 -7.15
CA VAL B 87 12.64 -2.41 -8.00
C VAL B 87 13.04 -2.47 -9.46
N ASN B 88 14.08 -1.70 -9.83
CA ASN B 88 14.47 -1.48 -11.23
C ASN B 88 15.53 -2.49 -11.60
N LEU B 89 15.09 -3.72 -11.80
CA LEU B 89 15.85 -4.69 -12.56
C LEU B 89 16.48 -4.09 -13.81
N PHE B 90 15.66 -3.34 -14.57
CA PHE B 90 15.95 -2.94 -15.94
C PHE B 90 16.66 -1.60 -16.02
N GLY B 91 17.22 -1.12 -14.94
CA GLY B 91 17.72 0.24 -14.96
C GLY B 91 16.54 1.19 -14.88
N HIS B 92 16.87 2.49 -14.95
CA HIS B 92 15.91 3.56 -14.72
C HIS B 92 15.37 4.08 -16.05
N HIS B 93 14.04 4.15 -16.16
CA HIS B 93 13.36 4.57 -17.39
C HIS B 93 13.83 3.78 -18.61
N PRO B 94 13.68 2.45 -18.61
CA PRO B 94 13.97 1.70 -19.83
C PRO B 94 13.09 2.16 -20.98
N SER B 95 13.50 1.74 -22.17
CA SER B 95 12.71 1.90 -23.38
C SER B 95 11.21 1.69 -23.08
N PHE B 96 10.84 0.45 -22.71
CA PHE B 96 9.43 0.08 -22.72
C PHE B 96 8.64 0.75 -21.59
N ILE B 97 9.25 0.91 -20.41
CA ILE B 97 8.50 1.48 -19.30
C ILE B 97 8.11 2.91 -19.60
N THR B 98 9.05 3.72 -20.09
CA THR B 98 8.72 5.11 -20.35
C THR B 98 7.75 5.25 -21.52
N GLN B 99 7.93 4.43 -22.55
CA GLN B 99 6.94 4.33 -23.61
C GLN B 99 5.53 4.18 -23.04
N THR B 100 5.31 3.14 -22.24
CA THR B 100 4.00 2.88 -21.67
C THR B 100 3.45 4.10 -20.96
N VAL B 101 4.33 4.95 -20.44
CA VAL B 101 3.88 6.18 -19.77
C VAL B 101 3.29 7.15 -20.79
N VAL B 102 4.01 7.36 -21.91
CA VAL B 102 3.53 8.29 -22.94
C VAL B 102 2.14 7.91 -23.40
N ASP B 103 1.92 6.61 -23.65
CA ASP B 103 0.60 6.19 -24.06
C ASP B 103 -0.43 6.45 -22.98
N SER B 104 -0.02 6.48 -21.72
CA SER B 104 -0.99 6.72 -20.67
C SER B 104 -1.52 8.13 -20.73
N THR B 105 -0.82 9.01 -21.44
CA THR B 105 -1.19 10.41 -21.58
C THR B 105 -1.93 10.68 -22.87
N HIS B 106 -1.68 9.88 -23.92
CA HIS B 106 -2.35 10.07 -25.20
C HIS B 106 -3.51 9.09 -25.44
N SER B 107 -3.55 7.94 -24.77
CA SER B 107 -4.52 6.89 -25.05
C SER B 107 -5.67 6.83 -24.05
N ALA B 108 -5.88 7.90 -23.27
CA ALA B 108 -7.07 8.07 -22.42
C ALA B 108 -7.39 6.88 -21.53
N LEU B 109 -6.67 6.72 -20.42
CA LEU B 109 -6.81 5.55 -19.55
C LEU B 109 -8.21 5.41 -18.98
N PRO B 110 -8.59 4.18 -18.69
CA PRO B 110 -9.77 3.93 -17.92
C PRO B 110 -9.56 4.42 -16.50
N PRO B 111 -10.58 4.44 -15.69
CA PRO B 111 -10.44 5.02 -14.36
C PRO B 111 -10.36 3.96 -13.30
N LEU B 112 -9.88 4.34 -12.13
CA LEU B 112 -10.13 3.50 -10.97
C LEU B 112 -11.64 3.33 -10.79
N GLY B 113 -12.04 2.21 -10.20
CA GLY B 113 -13.43 1.99 -9.87
C GLY B 113 -14.01 0.80 -10.57
N PRO B 114 -14.32 0.95 -11.86
CA PRO B 114 -14.59 -0.21 -12.68
C PRO B 114 -13.37 -1.12 -12.77
N MET B 115 -13.61 -2.41 -12.97
CA MET B 115 -12.51 -3.35 -13.03
C MET B 115 -11.63 -3.12 -14.26
N SER B 116 -10.36 -3.53 -14.12
CA SER B 116 -9.35 -3.34 -15.15
C SER B 116 -9.57 -4.27 -16.33
N ASN B 117 -9.28 -3.77 -17.52
CA ASN B 117 -9.36 -4.58 -18.73
C ASN B 117 -7.99 -5.09 -19.16
N VAL B 118 -7.07 -5.23 -18.20
CA VAL B 118 -5.67 -5.50 -18.47
C VAL B 118 -5.11 -6.45 -17.41
N ALA B 119 -5.60 -6.32 -16.17
CA ALA B 119 -5.16 -7.19 -15.08
C ALA B 119 -5.41 -8.66 -15.35
N GLY B 120 -6.14 -9.01 -16.39
CA GLY B 120 -6.31 -10.41 -16.70
C GLY B 120 -5.11 -10.96 -17.43
N GLU B 121 -4.61 -10.19 -18.41
CA GLU B 121 -3.42 -10.64 -19.11
C GLU B 121 -2.23 -10.62 -18.16
N VAL B 122 -2.18 -9.64 -17.26
CA VAL B 122 -1.10 -9.64 -16.28
C VAL B 122 -1.22 -10.84 -15.35
N ALA B 123 -2.44 -11.26 -15.04
CA ALA B 123 -2.65 -12.50 -14.31
C ALA B 123 -2.23 -13.71 -15.14
N ASP B 124 -2.66 -13.75 -16.41
CA ASP B 124 -2.27 -14.86 -17.26
C ASP B 124 -0.75 -14.89 -17.40
N ARG B 125 -0.12 -13.73 -17.65
CA ARG B 125 1.32 -13.67 -17.83
C ARG B 125 2.08 -14.12 -16.60
N ILE B 126 1.61 -13.73 -15.41
CA ILE B 126 2.30 -14.14 -14.19
C ILE B 126 2.23 -15.66 -14.04
N ARG B 127 1.08 -16.25 -14.39
CA ARG B 127 0.89 -17.69 -14.33
C ARG B 127 1.94 -18.42 -15.15
N ALA B 128 2.19 -17.94 -16.37
CA ALA B 128 3.18 -18.55 -17.25
C ALA B 128 4.57 -18.52 -16.62
N CYS B 129 4.90 -17.42 -15.94
CA CYS B 129 6.23 -17.15 -15.41
C CYS B 129 6.51 -17.78 -14.07
N THR B 130 5.49 -18.24 -13.35
CA THR B 130 5.76 -18.62 -11.98
C THR B 130 5.23 -20.00 -11.67
N GLY B 131 4.11 -20.36 -12.29
CA GLY B 131 3.40 -21.57 -11.96
C GLY B 131 2.30 -21.39 -10.93
N VAL B 132 2.18 -20.19 -10.36
CA VAL B 132 1.10 -19.83 -9.44
C VAL B 132 -0.24 -20.16 -10.11
N GLU B 133 -1.25 -20.52 -9.32
CA GLU B 133 -2.53 -20.81 -9.96
C GLU B 133 -3.34 -19.54 -10.17
N ARG B 134 -3.41 -18.67 -9.15
CA ARG B 134 -4.26 -17.49 -9.17
C ARG B 134 -3.50 -16.30 -8.65
N VAL B 135 -3.84 -15.12 -9.18
CA VAL B 135 -3.09 -13.89 -8.92
C VAL B 135 -4.07 -12.84 -8.40
N ALA B 136 -3.65 -12.11 -7.36
CA ALA B 136 -4.43 -10.99 -6.83
C ALA B 136 -3.46 -9.84 -6.54
N PHE B 137 -3.94 -8.62 -6.67
CA PHE B 137 -3.10 -7.43 -6.83
C PHE B 137 -3.39 -6.42 -5.74
N TYR B 138 -2.37 -5.96 -5.02
CA TYR B 138 -2.58 -4.98 -3.97
C TYR B 138 -1.58 -3.85 -4.17
N ASN B 139 -1.36 -3.04 -3.12
CA ASN B 139 -0.64 -1.78 -3.24
C ASN B 139 0.77 -1.80 -2.68
N SER B 140 1.14 -2.81 -1.91
CA SER B 140 2.50 -2.84 -1.38
C SER B 140 2.85 -4.27 -1.02
N GLY B 141 4.14 -4.59 -1.17
CA GLY B 141 4.69 -5.81 -0.63
C GLY B 141 4.15 -6.08 0.76
N THR B 142 4.17 -5.05 1.62
CA THR B 142 3.59 -5.11 2.95
C THR B 142 2.14 -5.61 2.90
N GLU B 143 1.27 -4.88 2.17
CA GLU B 143 -0.10 -5.32 1.98
C GLU B 143 -0.18 -6.77 1.50
N ALA B 144 0.78 -7.21 0.69
CA ALA B 144 0.69 -8.56 0.14
C ALA B 144 0.92 -9.62 1.22
N VAL B 145 1.94 -9.43 2.05
CA VAL B 145 2.21 -10.38 3.13
C VAL B 145 1.02 -10.40 4.09
N MET B 146 0.55 -9.22 4.48
CA MET B 146 -0.58 -9.12 5.39
C MET B 146 -1.79 -9.94 4.94
N VAL B 147 -2.07 -9.93 3.63
CA VAL B 147 -3.23 -10.63 3.10
C VAL B 147 -2.96 -12.12 3.00
N ALA B 148 -1.76 -12.45 2.50
CA ALA B 148 -1.32 -13.84 2.36
C ALA B 148 -1.45 -14.62 3.67
N LEU B 149 -1.04 -14.01 4.80
CA LEU B 149 -1.23 -14.67 6.08
C LEU B 149 -2.70 -14.86 6.37
N ARG B 150 -3.49 -13.82 6.12
CA ARG B 150 -4.92 -13.86 6.39
C ARG B 150 -5.56 -14.99 5.64
N LEU B 151 -5.32 -15.07 4.33
CA LEU B 151 -5.85 -16.17 3.55
C LEU B 151 -5.43 -17.49 4.16
N ALA B 152 -4.14 -17.61 4.48
CA ALA B 152 -3.65 -18.85 5.10
C ALA B 152 -4.44 -19.16 6.36
N ARG B 153 -4.54 -18.19 7.27
CA ARG B 153 -5.33 -18.36 8.48
C ARG B 153 -6.80 -18.66 8.20
N ALA B 154 -7.31 -18.30 7.03
CA ALA B 154 -8.72 -18.49 6.75
C ALA B 154 -8.98 -19.80 6.06
N ALA B 155 -8.08 -20.16 5.15
CA ALA B 155 -8.22 -21.45 4.48
C ALA B 155 -8.07 -22.61 5.48
N THR B 156 -7.17 -22.47 6.45
CA THR B 156 -6.82 -23.54 7.38
C THR B 156 -7.54 -23.45 8.71
N GLY B 157 -8.20 -22.34 9.03
CA GLY B 157 -8.87 -22.26 10.30
C GLY B 157 -7.95 -22.33 11.49
N ARG B 158 -6.65 -22.16 11.24
CA ARG B 158 -5.62 -22.10 12.26
C ARG B 158 -5.18 -20.66 12.44
N THR B 159 -4.54 -20.39 13.57
CA THR B 159 -4.03 -19.07 13.90
C THR B 159 -2.52 -18.93 13.81
N LYS B 160 -1.77 -19.98 14.10
CA LYS B 160 -0.38 -19.74 14.40
C LYS B 160 0.44 -19.57 13.12
N VAL B 161 1.44 -18.69 13.18
CA VAL B 161 2.28 -18.41 12.03
C VAL B 161 3.74 -18.41 12.43
N VAL B 162 4.55 -19.10 11.65
CA VAL B 162 5.99 -19.10 11.80
C VAL B 162 6.60 -18.13 10.80
N VAL B 163 7.44 -17.22 11.28
CA VAL B 163 8.36 -16.46 10.43
C VAL B 163 9.78 -16.76 10.89
N PHE B 164 10.75 -16.37 10.08
CA PHE B 164 12.14 -16.73 10.32
C PHE B 164 12.98 -15.50 10.61
N ALA B 165 13.75 -15.54 11.71
CA ALA B 165 14.70 -14.49 12.03
C ALA B 165 15.56 -14.12 10.82
N GLY B 166 15.95 -12.86 10.74
CA GLY B 166 16.67 -12.39 9.58
C GLY B 166 15.81 -12.10 8.36
N SER B 167 14.58 -12.62 8.30
CA SER B 167 13.71 -12.32 7.18
C SER B 167 13.07 -10.93 7.34
N TYR B 168 12.86 -10.26 6.22
CA TYR B 168 12.05 -9.07 6.21
C TYR B 168 10.78 -9.37 5.43
N HIS B 169 9.63 -8.94 5.96
CA HIS B 169 8.35 -9.16 5.32
C HIS B 169 7.45 -7.92 5.42
N GLY B 170 8.05 -6.72 5.48
CA GLY B 170 7.25 -5.51 5.54
C GLY B 170 6.75 -5.14 6.93
N THR B 171 5.74 -4.27 6.95
CA THR B 171 5.37 -3.47 8.10
C THR B 171 4.12 -3.94 8.82
N PHE B 172 3.41 -4.95 8.32
CA PHE B 172 2.32 -5.49 9.09
C PHE B 172 2.78 -5.84 10.51
N ASP B 173 1.95 -5.49 11.50
CA ASP B 173 2.35 -5.72 12.89
C ASP B 173 2.40 -7.21 13.22
N GLY B 174 1.75 -8.05 12.39
CA GLY B 174 1.74 -9.48 12.59
C GLY B 174 3.05 -10.19 12.33
N VAL B 175 4.02 -9.50 11.73
CA VAL B 175 5.33 -10.08 11.46
C VAL B 175 6.46 -9.28 12.10
N LEU B 176 6.14 -8.30 12.94
CA LEU B 176 7.15 -7.37 13.46
C LEU B 176 7.57 -7.78 14.87
N GLY B 177 8.15 -8.98 14.97
CA GLY B 177 8.52 -9.51 16.26
C GLY B 177 9.90 -10.15 16.25
N VAL B 178 10.39 -10.42 17.46
CA VAL B 178 11.73 -10.91 17.69
C VAL B 178 11.64 -12.08 18.67
N ALA B 179 12.78 -12.65 19.00
CA ALA B 179 12.80 -13.90 19.73
C ALA B 179 12.32 -13.73 21.15
N ASN B 180 11.58 -14.72 21.64
CA ASN B 180 11.40 -14.89 23.08
C ASN B 180 12.68 -15.47 23.63
N THR B 181 13.31 -14.76 24.59
CA THR B 181 14.66 -15.14 25.02
C THR B 181 14.73 -16.63 25.38
N LYS B 182 13.80 -17.10 26.21
CA LYS B 182 13.55 -18.53 26.31
C LYS B 182 12.96 -18.99 24.97
N GLY B 183 13.81 -19.52 24.10
CA GLY B 183 13.43 -19.79 22.73
C GLY B 183 12.51 -20.98 22.56
N GLY B 184 12.54 -21.55 21.36
CA GLY B 184 11.77 -22.74 21.05
C GLY B 184 10.55 -22.41 20.21
N ALA B 185 9.41 -22.99 20.58
CA ALA B 185 8.12 -22.67 19.98
C ALA B 185 7.33 -21.72 20.86
N GLU B 186 7.99 -20.67 21.43
CA GLU B 186 7.32 -19.76 22.34
C GLU B 186 6.80 -18.51 21.61
N PRO B 187 5.77 -17.86 22.15
CA PRO B 187 5.28 -16.64 21.50
C PRO B 187 6.30 -15.52 21.64
N ALA B 188 6.28 -14.62 20.65
CA ALA B 188 7.39 -13.71 20.40
C ALA B 188 7.24 -12.38 21.15
N ASN B 189 8.21 -11.50 20.96
CA ASN B 189 8.17 -10.16 21.53
C ASN B 189 8.20 -9.10 20.44
N PRO B 190 7.65 -7.93 20.69
CA PRO B 190 7.61 -6.89 19.66
C PRO B 190 9.00 -6.38 19.31
N LEU B 191 9.04 -5.63 18.22
CA LEU B 191 10.29 -5.09 17.67
C LEU B 191 10.52 -3.64 18.04
N ALA B 192 9.48 -2.94 18.48
CA ALA B 192 9.53 -1.52 18.71
C ALA B 192 8.38 -1.15 19.62
N PRO B 193 8.46 -0.05 20.34
CA PRO B 193 7.30 0.40 21.10
C PRO B 193 6.12 0.53 20.14
N GLY B 194 4.91 0.30 20.66
CA GLY B 194 3.70 0.54 19.91
C GLY B 194 3.25 -0.60 19.01
N ILE B 195 4.12 -1.56 18.71
CA ILE B 195 3.65 -2.79 18.07
C ILE B 195 3.12 -3.69 19.17
N PRO B 196 1.81 -3.82 19.31
CA PRO B 196 1.26 -4.40 20.54
C PRO B 196 1.51 -5.89 20.60
N GLN B 197 2.09 -6.33 21.71
CA GLN B 197 2.27 -7.73 22.06
C GLN B 197 1.17 -8.68 21.59
N SER B 198 -0.11 -8.26 21.62
CA SER B 198 -1.17 -9.16 21.16
C SER B 198 -0.93 -9.60 19.72
N PHE B 199 -0.36 -8.72 18.91
CA PHE B 199 0.02 -9.09 17.55
C PHE B 199 1.22 -10.01 17.52
N MET B 200 1.77 -10.39 18.67
CA MET B 200 2.80 -11.41 18.77
C MET B 200 2.29 -12.73 19.33
N ASN B 201 1.01 -12.82 19.72
CA ASN B 201 0.47 -14.04 20.32
C ASN B 201 0.47 -15.21 19.36
N ASP B 202 0.24 -14.97 18.07
CA ASP B 202 0.16 -16.03 17.07
C ASP B 202 1.38 -16.07 16.14
N LEU B 203 2.43 -15.35 16.51
CA LEU B 203 3.71 -15.38 15.81
C LEU B 203 4.62 -16.39 16.48
N ILE B 204 5.42 -17.09 15.67
CA ILE B 204 6.50 -17.93 16.18
C ILE B 204 7.70 -17.74 15.28
N ILE B 205 8.88 -17.49 15.87
CA ILE B 205 10.06 -17.08 15.09
C ILE B 205 11.23 -18.03 15.34
N LEU B 206 11.59 -18.84 14.34
CA LEU B 206 12.61 -19.86 14.46
C LEU B 206 13.80 -19.58 13.55
N HIS B 207 14.91 -20.24 13.87
CA HIS B 207 16.14 -20.01 13.16
C HIS B 207 16.03 -20.59 11.76
N TYR B 208 16.29 -19.75 10.75
CA TYR B 208 16.29 -20.21 9.37
C TYR B 208 17.55 -21.02 9.11
N ASN B 209 17.38 -22.29 8.72
CA ASN B 209 18.42 -23.28 8.45
C ASN B 209 19.05 -23.93 9.72
N HIS B 210 18.73 -23.49 10.96
CA HIS B 210 18.81 -24.39 12.13
C HIS B 210 17.97 -25.62 11.80
N PRO B 211 18.53 -26.84 11.76
CA PRO B 211 17.68 -28.00 11.44
C PRO B 211 16.78 -28.47 12.58
N ASP B 212 16.92 -27.92 13.79
CA ASP B 212 15.89 -28.21 14.80
C ASP B 212 14.58 -27.54 14.42
N SER B 213 14.64 -26.25 14.09
CA SER B 213 13.46 -25.50 13.65
C SER B 213 12.64 -26.24 12.59
N LEU B 214 13.27 -27.15 11.82
CA LEU B 214 12.49 -28.01 10.94
C LEU B 214 11.59 -28.94 11.73
N ASP B 215 11.98 -29.28 12.96
CA ASP B 215 11.15 -30.16 13.78
C ASP B 215 10.07 -29.41 14.55
N VAL B 216 10.38 -28.18 14.99
CA VAL B 216 9.36 -27.40 15.68
C VAL B 216 8.14 -27.18 14.77
N ILE B 217 8.35 -27.06 13.46
CA ILE B 217 7.23 -27.00 12.52
C ILE B 217 6.50 -28.35 12.44
N ARG B 218 7.21 -29.46 12.63
CA ARG B 218 6.51 -30.73 12.59
C ARG B 218 5.75 -30.99 13.88
N ASN B 219 6.19 -30.40 15.00
CA ASN B 219 5.37 -30.45 16.20
C ASN B 219 4.07 -29.76 15.85
N LEU B 220 4.12 -28.44 15.67
CA LEU B 220 2.90 -27.67 15.45
C LEU B 220 2.12 -28.13 14.23
N GLY B 221 2.69 -28.99 13.38
CA GLY B 221 1.97 -29.72 12.37
C GLY B 221 0.64 -29.15 11.92
N ASN B 222 -0.43 -29.47 12.66
CA ASN B 222 -1.77 -28.97 12.36
C ASN B 222 -2.09 -27.64 13.01
N GLU B 223 -1.25 -27.12 13.91
CA GLU B 223 -1.57 -25.86 14.55
C GLU B 223 -1.04 -24.65 13.78
N LEU B 224 -0.16 -24.89 12.83
CA LEU B 224 0.41 -23.83 12.00
C LEU B 224 -0.55 -23.60 10.84
N ALA B 225 -1.11 -22.39 10.77
CA ALA B 225 -1.79 -21.97 9.55
C ALA B 225 -0.80 -21.71 8.44
N ALA B 226 0.46 -21.41 8.79
CA ALA B 226 1.44 -21.01 7.79
C ALA B 226 2.85 -20.82 8.35
N VAL B 227 3.82 -21.32 7.60
CA VAL B 227 5.24 -21.00 7.77
C VAL B 227 5.60 -19.98 6.69
N LEU B 228 6.05 -18.78 7.10
CA LEU B 228 6.37 -17.68 6.18
C LEU B 228 7.89 -17.57 5.98
N VAL B 229 8.34 -17.84 4.76
CA VAL B 229 9.77 -17.98 4.49
C VAL B 229 10.20 -17.02 3.37
N GLU B 230 11.13 -16.10 3.70
CA GLU B 230 11.92 -15.40 2.69
C GLU B 230 12.94 -16.42 2.23
N PRO B 231 12.81 -16.94 1.00
CA PRO B 231 13.81 -17.91 0.55
C PRO B 231 15.20 -17.40 0.91
N VAL B 232 15.83 -16.67 -0.01
CA VAL B 232 17.14 -16.10 0.24
C VAL B 232 16.91 -14.79 0.99
N GLN B 233 17.32 -14.74 2.25
CA GLN B 233 17.08 -13.54 3.06
C GLN B 233 17.87 -12.37 2.48
N SER B 234 17.17 -11.27 2.17
CA SER B 234 17.83 -10.09 1.64
C SER B 234 19.10 -9.79 2.41
N ARG B 235 18.99 -9.79 3.75
CA ARG B 235 20.12 -9.49 4.62
C ARG B 235 21.28 -10.47 4.42
N ARG B 236 20.96 -11.74 4.19
CA ARG B 236 21.96 -12.80 4.09
C ARG B 236 21.84 -13.47 2.72
N PRO B 237 22.31 -12.83 1.66
CA PRO B 237 22.16 -13.41 0.32
C PRO B 237 22.98 -14.67 0.10
N ASP B 238 24.06 -14.84 0.85
CA ASP B 238 24.91 -16.02 0.73
C ASP B 238 24.17 -17.29 1.10
N LEU B 239 23.05 -17.18 1.83
CA LEU B 239 22.37 -18.34 2.39
C LEU B 239 21.26 -18.79 1.44
N GLN B 240 21.50 -19.91 0.75
CA GLN B 240 20.61 -20.44 -0.27
C GLN B 240 20.32 -21.90 0.06
N PRO B 241 19.62 -22.17 1.18
CA PRO B 241 19.53 -23.53 1.77
C PRO B 241 18.48 -24.50 1.22
N GLU B 242 18.83 -25.14 0.09
CA GLU B 242 17.89 -25.94 -0.68
C GLU B 242 17.41 -27.17 0.08
N SER B 243 18.33 -27.90 0.71
CA SER B 243 17.93 -29.01 1.58
C SER B 243 16.85 -28.59 2.59
N PHE B 244 17.10 -27.51 3.33
CA PHE B 244 16.17 -27.09 4.36
C PHE B 244 14.79 -26.80 3.77
N LEU B 245 14.74 -26.00 2.71
CA LEU B 245 13.47 -25.63 2.09
C LEU B 245 12.71 -26.84 1.58
N LYS B 246 13.40 -27.74 0.85
CA LYS B 246 12.72 -28.92 0.33
C LYS B 246 12.07 -29.69 1.47
N GLU B 247 12.74 -29.75 2.63
CA GLU B 247 12.17 -30.42 3.77
C GLU B 247 11.07 -29.60 4.43
N LEU B 248 11.16 -28.26 4.33
CA LEU B 248 10.07 -27.41 4.79
C LEU B 248 8.83 -27.58 3.93
N ARG B 249 9.01 -27.82 2.62
CA ARG B 249 7.88 -28.15 1.77
C ARG B 249 7.19 -29.44 2.20
N ALA B 250 7.95 -30.53 2.25
CA ALA B 250 7.40 -31.84 2.59
C ALA B 250 6.60 -31.81 3.90
N ILE B 251 7.14 -31.14 4.93
CA ILE B 251 6.46 -31.09 6.23
C ILE B 251 5.11 -30.40 6.10
N THR B 252 5.13 -29.13 5.67
CA THR B 252 3.91 -28.32 5.62
C THR B 252 2.85 -28.96 4.74
N GLN B 253 3.27 -29.56 3.63
CA GLN B 253 2.31 -30.25 2.78
C GLN B 253 1.58 -31.34 3.56
N GLN B 254 2.33 -32.23 4.21
CA GLN B 254 1.66 -33.31 4.93
C GLN B 254 0.84 -32.77 6.12
N SER B 255 1.29 -31.69 6.74
CA SER B 255 0.58 -31.05 7.84
C SER B 255 -0.48 -30.06 7.36
N GLY B 256 -0.73 -30.01 6.05
CA GLY B 256 -1.73 -29.10 5.50
C GLY B 256 -1.57 -27.69 5.99
N THR B 257 -0.33 -27.21 6.08
CA THR B 257 0.01 -25.89 6.59
C THR B 257 0.56 -25.06 5.45
N ALA B 258 0.09 -23.82 5.34
CA ALA B 258 0.47 -22.99 4.21
C ALA B 258 1.96 -22.69 4.19
N LEU B 259 2.57 -22.87 3.02
CA LEU B 259 3.95 -22.52 2.77
C LEU B 259 3.96 -21.25 1.91
N ILE B 260 3.86 -20.10 2.57
CA ILE B 260 4.00 -18.81 1.90
C ILE B 260 5.49 -18.56 1.70
N MET B 261 5.87 -18.16 0.49
CA MET B 261 7.27 -17.86 0.16
C MET B 261 7.37 -16.39 -0.23
N ASP B 262 7.89 -15.55 0.66
CA ASP B 262 7.97 -14.12 0.36
C ASP B 262 9.00 -13.90 -0.74
N GLU B 263 8.52 -13.57 -1.94
CA GLU B 263 9.41 -13.38 -3.08
C GLU B 263 9.45 -11.93 -3.55
N ILE B 264 9.16 -10.98 -2.67
CA ILE B 264 9.13 -9.58 -3.11
C ILE B 264 10.49 -9.14 -3.70
N ILE B 265 11.60 -9.52 -3.06
CA ILE B 265 12.90 -9.23 -3.66
C ILE B 265 13.36 -10.33 -4.62
N THR B 266 13.20 -11.61 -4.27
CA THR B 266 13.70 -12.69 -5.14
C THR B 266 12.87 -12.83 -6.42
N GLY B 267 11.56 -12.58 -6.35
CA GLY B 267 10.69 -12.79 -7.49
C GLY B 267 11.01 -11.90 -8.67
N PHE B 268 11.26 -12.53 -9.82
CA PHE B 268 11.69 -11.86 -11.06
C PHE B 268 13.06 -11.22 -10.95
N ARG B 269 13.93 -11.70 -10.06
CA ARG B 269 15.29 -11.19 -10.02
C ARG B 269 16.32 -12.28 -10.27
N ILE B 270 16.24 -13.38 -9.51
CA ILE B 270 17.12 -14.53 -9.70
C ILE B 270 16.81 -15.21 -11.03
N GLY B 271 15.60 -15.02 -11.52
CA GLY B 271 15.07 -15.74 -12.66
C GLY B 271 13.57 -15.51 -12.71
N LEU B 272 12.98 -15.89 -13.85
CA LEU B 272 11.57 -15.59 -14.08
C LEU B 272 10.67 -16.27 -13.05
N GLY B 273 10.89 -17.55 -12.80
CA GLY B 273 10.18 -18.19 -11.71
C GLY B 273 10.61 -17.72 -10.33
N GLY B 274 11.74 -17.02 -10.22
CA GLY B 274 12.14 -16.50 -8.95
C GLY B 274 12.57 -17.65 -8.06
N ALA B 275 12.58 -17.40 -6.75
CA ALA B 275 13.05 -18.40 -5.80
C ALA B 275 12.35 -19.74 -6.00
N GLN B 276 11.06 -19.74 -6.32
CA GLN B 276 10.35 -20.99 -6.54
C GLN B 276 11.01 -21.82 -7.62
N GLU B 277 11.20 -21.23 -8.79
CA GLU B 277 11.82 -21.92 -9.92
C GLU B 277 13.19 -22.43 -9.52
N TRP B 278 13.99 -21.56 -8.91
CA TRP B 278 15.36 -21.88 -8.55
C TRP B 278 15.46 -23.18 -7.73
N PHE B 279 14.80 -23.23 -6.57
CA PHE B 279 14.89 -24.41 -5.71
C PHE B 279 13.95 -25.53 -6.13
N ASP B 280 13.22 -25.36 -7.23
CA ASP B 280 12.28 -26.36 -7.71
C ASP B 280 11.31 -26.73 -6.59
N ILE B 281 10.60 -25.70 -6.14
CA ILE B 281 9.66 -25.80 -5.04
C ILE B 281 8.46 -24.95 -5.41
N GLN B 282 7.26 -25.53 -5.38
CA GLN B 282 6.01 -24.80 -5.67
C GLN B 282 5.39 -24.45 -4.32
N ALA B 283 5.41 -23.16 -3.97
CA ALA B 283 4.82 -22.76 -2.70
C ALA B 283 3.30 -22.88 -2.75
N ASP B 284 2.67 -22.73 -1.58
CA ASP B 284 1.23 -22.55 -1.55
C ASP B 284 0.87 -21.11 -1.92
N LEU B 285 1.50 -20.15 -1.24
CA LEU B 285 1.30 -18.73 -1.49
C LEU B 285 2.66 -18.11 -1.73
N VAL B 286 2.72 -17.19 -2.67
CA VAL B 286 3.93 -16.48 -2.98
C VAL B 286 3.57 -15.01 -3.07
N THR B 287 4.34 -14.16 -2.42
CA THR B 287 4.15 -12.73 -2.61
C THR B 287 5.14 -12.21 -3.66
N TYR B 288 4.74 -11.14 -4.34
CA TYR B 288 5.59 -10.46 -5.30
C TYR B 288 5.39 -8.95 -5.16
N GLY B 289 6.45 -8.22 -5.45
CA GLY B 289 6.40 -6.78 -5.36
C GLY B 289 7.57 -6.22 -6.13
N LYS B 290 7.98 -5.01 -5.75
CA LYS B 290 9.19 -4.39 -6.31
C LYS B 290 9.21 -4.46 -7.84
N ILE B 291 9.95 -5.43 -8.41
CA ILE B 291 10.21 -5.42 -9.85
C ILE B 291 8.93 -5.40 -10.66
N ILE B 292 7.91 -6.15 -10.21
CA ILE B 292 6.72 -6.40 -11.03
C ILE B 292 5.80 -5.19 -11.08
N GLY B 293 6.18 -4.09 -10.44
CA GLY B 293 5.53 -2.81 -10.61
C GLY B 293 6.04 -1.94 -11.74
N GLY B 294 7.06 -2.38 -12.46
CA GLY B 294 7.63 -1.60 -13.54
C GLY B 294 8.05 -0.21 -13.11
N GLY B 295 8.24 -0.02 -11.81
CA GLY B 295 8.54 1.27 -11.24
C GLY B 295 7.37 1.88 -10.49
N GLN B 296 6.16 1.45 -10.79
CA GLN B 296 4.98 1.80 -10.03
C GLN B 296 4.97 1.00 -8.72
N PRO B 297 4.10 1.37 -7.77
CA PRO B 297 3.93 0.54 -6.58
C PRO B 297 3.01 -0.65 -6.85
N LEU B 298 3.31 -1.76 -6.19
CA LEU B 298 2.55 -2.98 -6.40
C LEU B 298 2.98 -3.98 -5.34
N GLY B 299 2.10 -4.95 -5.11
CA GLY B 299 2.31 -5.98 -4.11
C GLY B 299 1.28 -7.02 -4.50
N ILE B 300 1.69 -8.28 -4.56
CA ILE B 300 0.89 -9.36 -5.12
C ILE B 300 0.88 -10.55 -4.17
N VAL B 301 -0.25 -11.23 -4.06
CA VAL B 301 -0.29 -12.57 -3.48
C VAL B 301 -0.86 -13.51 -4.52
N ALA B 302 -0.13 -14.60 -4.79
CA ALA B 302 -0.52 -15.57 -5.80
C ALA B 302 -0.27 -16.96 -5.24
N GLY B 303 -1.05 -17.94 -5.68
CA GLY B 303 -0.76 -19.31 -5.26
C GLY B 303 -1.81 -20.33 -5.67
N LYS B 304 -1.80 -21.46 -4.95
CA LYS B 304 -2.73 -22.56 -5.21
C LYS B 304 -4.15 -22.14 -4.88
N ALA B 305 -5.11 -22.55 -5.72
CA ALA B 305 -6.48 -22.17 -5.44
C ALA B 305 -6.98 -22.78 -4.15
N GLU B 306 -6.33 -23.85 -3.65
CA GLU B 306 -6.73 -24.40 -2.36
C GLU B 306 -6.71 -23.34 -1.27
N PHE B 307 -6.01 -22.21 -1.50
CA PHE B 307 -5.85 -21.06 -0.61
C PHE B 307 -6.35 -19.75 -1.21
N MET B 308 -6.17 -19.54 -2.50
CA MET B 308 -6.57 -18.26 -3.08
C MET B 308 -8.08 -18.10 -3.08
N ASN B 309 -8.83 -19.20 -3.19
CA ASN B 309 -10.29 -19.14 -3.25
C ASN B 309 -10.92 -18.38 -2.08
N THR B 310 -10.14 -18.07 -1.04
CA THR B 310 -10.67 -17.31 0.07
C THR B 310 -10.78 -15.82 -0.23
N ILE B 311 -10.62 -15.41 -1.48
CA ILE B 311 -10.70 -14.02 -1.91
C ILE B 311 -12.08 -13.68 -2.44
N ASP B 312 -12.56 -14.49 -3.39
CA ASP B 312 -13.93 -14.39 -3.87
C ASP B 312 -14.83 -15.52 -3.35
N GLY B 313 -14.30 -16.69 -3.06
CA GLY B 313 -15.14 -17.73 -2.48
C GLY B 313 -15.16 -18.97 -3.33
N GLY B 314 -14.22 -19.06 -4.26
CA GLY B 314 -14.24 -20.08 -5.29
C GLY B 314 -14.78 -19.55 -6.60
N THR B 315 -14.62 -20.36 -7.63
CA THR B 315 -15.07 -19.99 -8.95
C THR B 315 -16.41 -20.65 -9.25
N TRP B 316 -16.93 -20.36 -10.45
CA TRP B 316 -18.22 -20.82 -10.98
C TRP B 316 -18.34 -20.25 -12.39
N GLN B 317 -19.29 -20.79 -13.17
CA GLN B 317 -19.45 -20.46 -14.59
C GLN B 317 -20.74 -19.67 -14.83
N TYR B 318 -20.91 -19.25 -16.08
CA TYR B 318 -22.18 -18.73 -16.57
C TYR B 318 -22.90 -19.82 -17.35
N GLY B 319 -24.24 -19.76 -17.33
CA GLY B 319 -25.00 -20.84 -17.92
C GLY B 319 -25.46 -21.82 -16.88
N ASP B 320 -24.53 -22.54 -16.21
CA ASP B 320 -24.88 -23.65 -15.32
C ASP B 320 -25.11 -23.18 -13.88
N ASP B 321 -25.80 -24.05 -13.12
CA ASP B 321 -26.32 -23.69 -11.80
C ASP B 321 -25.22 -23.62 -10.74
N SER B 322 -24.00 -23.34 -11.17
CA SER B 322 -22.86 -23.30 -10.27
C SER B 322 -22.97 -22.12 -9.30
N TYR B 323 -22.03 -22.09 -8.37
CA TYR B 323 -21.91 -21.04 -7.37
C TYR B 323 -20.59 -21.25 -6.62
N PRO B 324 -20.11 -20.23 -5.91
CA PRO B 324 -18.83 -20.39 -5.19
C PRO B 324 -18.90 -21.47 -4.11
N THR B 325 -17.91 -22.36 -4.12
CA THR B 325 -17.84 -23.52 -3.20
C THR B 325 -17.10 -23.20 -1.89
N ASP B 326 -15.85 -22.76 -1.99
CA ASP B 326 -15.03 -22.43 -0.82
C ASP B 326 -15.48 -21.13 -0.12
N GLU B 327 -16.71 -20.66 -0.37
CA GLU B 327 -17.14 -19.38 0.15
C GLU B 327 -17.29 -19.39 1.67
N ALA B 328 -17.47 -20.57 2.26
CA ALA B 328 -17.34 -20.69 3.70
C ALA B 328 -16.10 -19.97 4.20
N LYS B 329 -14.97 -20.17 3.51
CA LYS B 329 -13.69 -19.63 3.92
C LYS B 329 -13.45 -18.24 3.34
N ARG B 330 -14.49 -17.53 2.88
CA ARG B 330 -14.29 -16.21 2.29
C ARG B 330 -14.03 -15.17 3.37
N THR B 331 -12.95 -14.43 3.21
CA THR B 331 -12.48 -13.46 4.19
C THR B 331 -12.49 -12.07 3.57
N PHE B 332 -12.10 -11.08 4.39
CA PHE B 332 -12.21 -9.67 4.01
C PHE B 332 -10.93 -9.21 3.34
N VAL B 333 -11.09 -8.65 2.13
CA VAL B 333 -10.02 -7.97 1.41
C VAL B 333 -10.70 -6.85 0.64
N ALA B 334 -9.89 -5.86 0.26
CA ALA B 334 -10.31 -4.70 -0.54
C ALA B 334 -9.10 -3.88 -0.90
N GLY B 335 -9.33 -2.66 -1.35
CA GLY B 335 -8.20 -1.81 -1.65
C GLY B 335 -8.55 -0.79 -2.71
N THR B 336 -8.45 0.49 -2.35
CA THR B 336 -8.78 1.57 -3.27
C THR B 336 -7.89 1.53 -4.51
N PHE B 337 -6.58 1.32 -4.36
CA PHE B 337 -5.70 1.46 -5.50
C PHE B 337 -5.33 0.14 -6.16
N ASN B 338 -6.08 -0.92 -5.87
CA ASN B 338 -5.86 -2.20 -6.50
C ASN B 338 -6.06 -2.11 -8.01
N THR B 339 -5.31 -2.92 -8.77
CA THR B 339 -5.37 -2.98 -10.24
C THR B 339 -5.44 -1.60 -10.88
N HIS B 340 -4.51 -0.74 -10.45
CA HIS B 340 -4.39 0.61 -10.95
C HIS B 340 -4.16 0.61 -12.45
N PRO B 341 -4.84 1.48 -13.20
CA PRO B 341 -4.76 1.41 -14.68
C PRO B 341 -3.36 1.55 -15.28
N LEU B 342 -2.52 2.42 -14.70
CA LEU B 342 -1.13 2.58 -15.12
C LEU B 342 -0.29 1.37 -14.74
N THR B 343 -0.09 1.19 -13.44
CA THR B 343 0.54 0.01 -12.87
C THR B 343 0.24 -1.25 -13.68
N MET B 344 -1.03 -1.64 -13.80
CA MET B 344 -1.34 -2.86 -14.56
C MET B 344 -0.73 -2.82 -15.94
N ARG B 345 -0.69 -1.64 -16.57
CA ARG B 345 -0.14 -1.56 -17.93
C ARG B 345 1.37 -1.68 -17.92
N MET B 346 2.03 -1.15 -16.88
CA MET B 346 3.48 -1.32 -16.81
C MET B 346 3.83 -2.73 -16.38
N SER B 347 3.08 -3.30 -15.44
CA SER B 347 3.25 -4.71 -15.09
C SER B 347 3.11 -5.59 -16.32
N LEU B 348 2.07 -5.35 -17.12
CA LEU B 348 1.97 -5.94 -18.44
C LEU B 348 3.21 -5.62 -19.27
N ALA B 349 3.63 -4.35 -19.26
CA ALA B 349 4.82 -3.95 -20.01
C ALA B 349 6.02 -4.76 -19.59
N VAL B 350 6.26 -4.84 -18.27
CA VAL B 350 7.43 -5.54 -17.77
C VAL B 350 7.35 -7.02 -18.11
N LEU B 351 6.18 -7.63 -17.88
CA LEU B 351 6.03 -9.05 -18.19
C LEU B 351 6.35 -9.33 -19.65
N ARG B 352 5.62 -8.70 -20.57
CA ARG B 352 5.90 -8.83 -22.00
C ARG B 352 7.40 -8.74 -22.28
N TYR B 353 8.04 -7.65 -21.83
CA TYR B 353 9.46 -7.49 -22.08
C TYR B 353 10.23 -8.70 -21.56
N LEU B 354 9.88 -9.20 -20.38
CA LEU B 354 10.66 -10.28 -19.81
C LEU B 354 10.60 -11.51 -20.69
N GLN B 355 9.40 -11.98 -21.00
CA GLN B 355 9.20 -13.16 -21.85
C GLN B 355 9.71 -12.94 -23.27
N ALA B 356 10.05 -11.73 -23.66
CA ALA B 356 10.66 -11.53 -24.96
C ALA B 356 12.13 -11.92 -24.90
N GLU B 357 12.91 -11.15 -24.16
CA GLU B 357 14.28 -11.52 -23.91
C GLU B 357 14.32 -12.91 -23.30
N GLY B 358 15.29 -13.71 -23.70
CA GLY B 358 15.28 -15.08 -23.23
C GLY B 358 15.66 -15.19 -21.77
N GLU B 359 16.01 -16.42 -21.38
CA GLU B 359 16.78 -16.63 -20.16
C GLU B 359 18.10 -15.91 -20.23
N THR B 360 18.49 -15.54 -21.46
CA THR B 360 19.68 -14.75 -21.72
C THR B 360 19.71 -13.50 -20.84
N LEU B 361 18.55 -12.87 -20.58
CA LEU B 361 18.52 -11.65 -19.77
C LEU B 361 19.09 -11.89 -18.37
N TYR B 362 18.56 -12.91 -17.68
CA TYR B 362 19.05 -13.22 -16.35
C TYR B 362 20.45 -13.82 -16.39
N GLU B 363 20.67 -14.82 -17.26
CA GLU B 363 21.99 -15.46 -17.29
C GLU B 363 23.09 -14.41 -17.27
N ARG B 364 22.86 -13.28 -17.93
CA ARG B 364 23.88 -12.24 -18.03
C ARG B 364 23.94 -11.38 -16.77
N LEU B 365 22.78 -10.87 -16.30
CA LEU B 365 22.77 -10.03 -15.10
C LEU B 365 23.36 -10.74 -13.88
N ASN B 366 23.04 -12.02 -13.70
CA ASN B 366 23.69 -12.76 -12.62
C ASN B 366 25.18 -12.88 -12.88
N GLN B 367 25.58 -13.22 -14.10
CA GLN B 367 27.01 -13.36 -14.30
C GLN B 367 27.70 -12.01 -14.51
N LYS B 368 27.00 -10.97 -14.95
CA LYS B 368 27.64 -9.67 -14.86
C LYS B 368 27.78 -9.21 -13.40
N THR B 369 27.01 -9.82 -12.49
CA THR B 369 27.19 -9.62 -11.06
C THR B 369 28.36 -10.43 -10.54
N THR B 370 28.29 -11.75 -10.73
CA THR B 370 29.38 -12.67 -10.41
C THR B 370 30.73 -12.04 -10.69
N TYR B 371 30.88 -11.44 -11.88
CA TYR B 371 32.12 -10.75 -12.22
C TYR B 371 32.47 -9.73 -11.15
N LEU B 372 31.52 -8.85 -10.81
CA LEU B 372 31.78 -7.90 -9.75
C LEU B 372 32.01 -8.58 -8.42
N VAL B 373 31.19 -9.58 -8.09
CA VAL B 373 31.34 -10.25 -6.80
C VAL B 373 32.71 -10.92 -6.71
N ASP B 374 33.01 -11.81 -7.67
CA ASP B 374 34.26 -12.56 -7.62
C ASP B 374 35.48 -11.63 -7.66
N GLN B 375 35.52 -10.72 -8.63
CA GLN B 375 36.68 -9.86 -8.77
C GLN B 375 37.00 -9.12 -7.48
N LEU B 376 35.96 -8.65 -6.78
CA LEU B 376 36.17 -7.90 -5.54
C LEU B 376 36.66 -8.80 -4.41
N ASN B 377 36.05 -9.98 -4.23
CA ASN B 377 36.52 -10.91 -3.21
C ASN B 377 38.00 -11.23 -3.37
N SER B 378 38.48 -11.28 -4.62
CA SER B 378 39.88 -11.60 -4.82
C SER B 378 40.77 -10.44 -4.41
N TYR B 379 40.42 -9.22 -4.82
CA TYR B 379 41.11 -8.05 -4.29
C TYR B 379 41.23 -8.15 -2.78
N PHE B 380 40.16 -8.60 -2.12
CA PHE B 380 40.12 -8.63 -0.66
C PHE B 380 41.02 -9.73 -0.10
N GLU B 381 41.24 -10.79 -0.88
CA GLU B 381 42.11 -11.89 -0.45
C GLU B 381 43.57 -11.54 -0.63
N GLN B 382 43.91 -10.95 -1.76
CA GLN B 382 45.24 -10.41 -1.96
C GLN B 382 45.58 -9.46 -0.82
N SER B 383 44.87 -8.35 -0.75
CA SER B 383 45.26 -7.25 0.11
C SER B 383 44.97 -7.50 1.58
N GLN B 384 44.46 -8.68 1.93
CA GLN B 384 44.13 -9.03 3.31
C GLN B 384 43.20 -8.00 3.96
N VAL B 385 42.14 -7.67 3.25
CA VAL B 385 41.13 -6.72 3.70
C VAL B 385 39.99 -7.51 4.35
N PRO B 386 39.53 -7.14 5.54
CA PRO B 386 38.45 -7.91 6.20
C PRO B 386 37.05 -7.55 5.70
N ILE B 387 36.83 -7.76 4.39
CA ILE B 387 35.54 -7.54 3.71
C ILE B 387 35.35 -8.67 2.71
N ARG B 388 34.14 -9.24 2.64
CA ARG B 388 33.81 -10.33 1.72
C ARG B 388 32.43 -10.10 1.11
N MET B 389 32.31 -10.30 -0.20
CA MET B 389 31.06 -10.09 -0.92
C MET B 389 30.19 -11.34 -0.89
N VAL B 390 28.87 -11.13 -0.88
CA VAL B 390 27.91 -12.22 -0.89
C VAL B 390 26.83 -11.84 -1.89
N GLN B 391 26.07 -12.84 -2.34
CA GLN B 391 25.27 -12.67 -3.54
C GLN B 391 24.16 -13.72 -3.60
N PHE B 392 23.09 -13.35 -4.28
CA PHE B 392 22.08 -14.28 -4.79
C PHE B 392 21.63 -13.67 -6.11
N GLY B 393 22.08 -14.25 -7.21
CA GLY B 393 21.81 -13.65 -8.49
C GLY B 393 22.37 -12.25 -8.61
N SER B 394 21.49 -11.25 -8.57
CA SER B 394 21.88 -9.86 -8.72
C SER B 394 21.64 -9.02 -7.47
N LEU B 395 21.30 -9.64 -6.34
CA LEU B 395 21.38 -9.02 -5.03
C LEU B 395 22.75 -9.34 -4.43
N PHE B 396 23.43 -8.33 -3.88
CA PHE B 396 24.72 -8.58 -3.22
C PHE B 396 24.93 -7.64 -2.03
N ARG B 397 25.78 -8.07 -1.10
CA ARG B 397 26.07 -7.27 0.08
C ARG B 397 27.56 -7.31 0.40
N PHE B 398 27.98 -6.36 1.26
CA PHE B 398 29.33 -6.30 1.81
C PHE B 398 29.28 -6.73 3.26
N VAL B 399 29.80 -7.90 3.57
CA VAL B 399 29.98 -8.28 4.97
C VAL B 399 31.36 -7.78 5.38
N SER B 400 31.42 -7.03 6.48
CA SER B 400 32.72 -6.50 6.86
C SER B 400 32.74 -6.12 8.34
N SER B 401 33.96 -6.16 8.89
CA SER B 401 34.24 -5.85 10.28
C SER B 401 34.76 -4.44 10.48
N VAL B 402 35.19 -3.78 9.39
CA VAL B 402 35.39 -2.34 9.43
C VAL B 402 34.08 -1.68 9.84
N ASP B 403 34.17 -0.49 10.43
CA ASP B 403 32.97 0.28 10.63
C ASP B 403 32.24 0.36 9.29
N ASN B 404 31.13 -0.36 9.12
CA ASN B 404 30.40 -0.27 7.86
C ASN B 404 29.98 1.17 7.57
N ASP B 405 29.41 1.84 8.58
CA ASP B 405 28.87 3.18 8.35
C ASP B 405 29.93 4.10 7.80
N LEU B 406 31.14 4.06 8.36
CA LEU B 406 32.25 4.80 7.77
C LEU B 406 32.59 4.31 6.36
N PHE B 407 32.44 3.00 6.12
CA PHE B 407 32.76 2.42 4.81
C PHE B 407 31.85 2.97 3.71
N PHE B 408 30.54 2.89 3.92
CA PHE B 408 29.64 3.30 2.85
C PHE B 408 29.70 4.81 2.62
N TYR B 409 29.95 5.61 3.67
CA TYR B 409 30.19 7.02 3.44
C TYR B 409 31.30 7.20 2.41
N HIS B 410 32.35 6.40 2.49
CA HIS B 410 33.35 6.39 1.44
C HIS B 410 32.77 5.91 0.11
N LEU B 411 31.97 4.85 0.13
CA LEU B 411 31.36 4.41 -1.11
C LEU B 411 30.48 5.51 -1.68
N ASN B 412 29.78 6.24 -0.82
CA ASN B 412 28.83 7.22 -1.32
C ASN B 412 29.57 8.46 -1.80
N TYR B 413 30.44 9.02 -0.97
CA TYR B 413 31.21 10.18 -1.41
C TYR B 413 31.95 9.91 -2.71
N LYS B 414 32.46 8.68 -2.87
CA LYS B 414 33.22 8.31 -4.06
C LYS B 414 32.34 8.10 -5.27
N GLY B 415 31.04 8.26 -5.13
CA GLY B 415 30.15 8.27 -6.28
C GLY B 415 29.46 6.97 -6.61
N VAL B 416 29.24 6.08 -5.63
CA VAL B 416 28.47 4.85 -5.83
C VAL B 416 27.34 4.86 -4.82
N TYR B 417 26.12 4.99 -5.29
CA TYR B 417 25.01 5.26 -4.37
C TYR B 417 24.55 3.97 -3.69
N VAL B 418 24.62 3.96 -2.35
CA VAL B 418 24.24 2.81 -1.53
C VAL B 418 23.43 3.35 -0.36
N TRP B 419 22.13 3.01 -0.32
CA TRP B 419 21.21 3.46 0.72
C TRP B 419 21.58 2.85 2.08
N GLU B 420 20.78 3.19 3.09
CA GLU B 420 21.13 2.84 4.46
C GLU B 420 21.04 1.36 4.73
N GLY B 421 20.15 0.65 4.00
CA GLY B 421 19.89 -0.77 4.17
C GLY B 421 20.88 -1.67 3.47
N ARG B 422 21.69 -1.11 2.60
CA ARG B 422 22.89 -1.79 2.10
C ARG B 422 22.59 -3.04 1.29
N ASN B 423 21.33 -3.34 1.01
CA ASN B 423 21.05 -4.30 -0.04
C ASN B 423 21.48 -3.66 -1.35
N CYS B 424 22.38 -4.30 -2.08
CA CYS B 424 22.84 -3.78 -3.36
C CYS B 424 22.37 -4.69 -4.49
N PHE B 425 21.93 -4.10 -5.58
CA PHE B 425 21.56 -4.84 -6.77
C PHE B 425 22.22 -4.20 -7.98
N LEU B 426 22.56 -5.02 -8.97
CA LEU B 426 22.96 -4.49 -10.27
C LEU B 426 21.80 -4.64 -11.23
N SER B 427 21.85 -3.89 -12.31
CA SER B 427 20.76 -3.79 -13.26
C SER B 427 21.21 -4.25 -14.63
N THR B 428 20.26 -4.44 -15.54
CA THR B 428 20.66 -4.70 -16.90
C THR B 428 21.32 -3.47 -17.52
N ALA B 429 21.09 -2.29 -16.94
CA ALA B 429 21.65 -1.07 -17.52
C ALA B 429 23.12 -0.85 -17.18
N HIS B 430 23.69 -1.52 -16.19
CA HIS B 430 25.09 -1.28 -15.86
C HIS B 430 25.97 -1.78 -17.00
N THR B 431 26.96 -0.95 -17.39
CA THR B 431 27.96 -1.41 -18.35
C THR B 431 29.21 -1.94 -17.63
N SER B 432 30.15 -2.50 -18.43
CA SER B 432 31.42 -2.98 -17.89
C SER B 432 32.23 -1.83 -17.32
N ASP B 433 32.23 -0.70 -18.01
CA ASP B 433 32.84 0.51 -17.45
C ASP B 433 32.25 0.84 -16.08
N ASP B 434 30.98 0.49 -15.84
CA ASP B 434 30.37 0.69 -14.53
C ASP B 434 30.89 -0.31 -13.51
N ILE B 435 31.04 -1.57 -13.93
CA ILE B 435 31.62 -2.61 -13.07
C ILE B 435 33.01 -2.20 -12.60
N ALA B 436 33.89 -1.90 -13.57
CA ALA B 436 35.20 -1.34 -13.26
C ALA B 436 35.10 -0.18 -12.28
N TYR B 437 34.22 0.78 -12.56
CA TYR B 437 34.15 1.95 -11.70
C TYR B 437 33.79 1.56 -10.27
N ILE B 438 32.87 0.62 -10.11
CA ILE B 438 32.53 0.18 -8.75
C ILE B 438 33.73 -0.46 -8.08
N ILE B 439 34.40 -1.39 -8.78
CA ILE B 439 35.58 -2.04 -8.21
C ILE B 439 36.57 -0.99 -7.74
N GLN B 440 36.83 -0.01 -8.59
CA GLN B 440 37.82 1.02 -8.29
C GLN B 440 37.45 1.76 -7.02
N ALA B 441 36.24 2.33 -6.99
CA ALA B 441 35.77 3.04 -5.81
C ALA B 441 35.80 2.18 -4.56
N VAL B 442 35.65 0.86 -4.69
CA VAL B 442 35.85 0.00 -3.52
C VAL B 442 37.33 -0.07 -3.18
N GLN B 443 38.14 -0.47 -4.16
CA GLN B 443 39.58 -0.61 -3.93
C GLN B 443 40.18 0.69 -3.39
N GLU B 444 39.78 1.83 -3.93
CA GLU B 444 40.35 3.03 -3.37
C GLU B 444 39.68 3.43 -2.06
N THR B 445 38.56 2.83 -1.69
CA THR B 445 38.07 3.04 -0.34
C THR B 445 38.93 2.26 0.65
N VAL B 446 39.30 1.03 0.29
CA VAL B 446 40.25 0.28 1.12
C VAL B 446 41.54 1.07 1.26
N LYS B 447 42.06 1.54 0.13
CA LYS B 447 43.26 2.37 0.14
C LYS B 447 43.07 3.60 1.03
N ASP B 448 41.91 4.26 0.91
CA ASP B 448 41.58 5.39 1.78
C ASP B 448 41.49 4.97 3.25
N LEU B 449 40.82 3.83 3.54
CA LEU B 449 40.65 3.42 4.93
C LEU B 449 41.98 2.99 5.52
N ARG B 450 42.83 2.36 4.71
CA ARG B 450 44.17 2.05 5.16
C ARG B 450 44.93 3.32 5.53
N ARG B 451 45.04 4.26 4.57
CA ARG B 451 45.78 5.50 4.79
C ARG B 451 45.35 6.20 6.08
N GLY B 452 44.06 6.15 6.40
CA GLY B 452 43.57 6.76 7.63
C GLY B 452 43.77 5.94 8.88
N GLY B 453 44.28 4.72 8.75
CA GLY B 453 44.50 3.90 9.92
C GLY B 453 43.24 3.27 10.45
N PHE B 454 42.38 2.78 9.56
CA PHE B 454 41.16 2.09 9.93
C PHE B 454 41.16 0.60 9.55
N ILE B 455 42.28 0.06 9.04
CA ILE B 455 42.37 -1.27 8.42
C ILE B 455 41.75 -2.33 9.30
#